data_4F7K
#
_entry.id   4F7K
#
_cell.length_a   123.410
_cell.length_b   91.360
_cell.length_c   86.150
_cell.angle_alpha   90.00
_cell.angle_beta   112.10
_cell.angle_gamma   90.00
#
_symmetry.space_group_name_H-M   'C 1 2 1'
#
loop_
_entity.id
_entity.type
_entity.pdbx_description
1 polymer Laccase
2 non-polymer GLYCEROL
3 water water
#
_entity_poly.entity_id   1
_entity_poly.type   'polypeptide(L)'
_entity_poly.pdbx_seq_one_letter_code
;SAPVELVAQPVNAQILPEGEPATPMLGFNGGTPGPVLRARQGEVFDIRFQNQIGEGSAVHWHGLRIDNAMDGVPGMTQDV
VEAGGEFEYSFRAPDAGTFWYHSHNRSWEQVAKGLYGPLIVEEPTPPDVDHDLIIMIDDWRITENGVLADGFENMRDQAH
QGRLGNFARALVEPVTPVRRGDRVRLRLINVATDRIFPVELEGVEGKVVALDGMPIVDPQEFSGLILAPAQRADIIADVI
TDAPIGFVFPTRDGPYLLGEIPVKGANTTRQPSEIPALPPNEVTSPDMGSAVSLTLTMEGGAMSRRMMQGMMGGDIWAFN
GQSGLTDTPLHSFERGQTARIRLVNDTRFPHGIHLHGHHFFEVGADGNLGALRDTTLVDAGETRDIVCVFDNPGNWLLHC
HMLGHQAAGMKTWVEVALEHHHHHH
;
_entity_poly.pdbx_strand_id   A,B
#
# COMPACT_ATOMS: atom_id res chain seq x y z
N ALA A 2 -27.65 -30.71 12.07
CA ALA A 2 -28.62 -31.47 11.22
C ALA A 2 -30.08 -31.20 11.60
N PRO A 3 -30.58 -29.97 11.35
CA PRO A 3 -29.86 -28.85 10.77
C PRO A 3 -29.13 -27.99 11.81
N VAL A 4 -27.90 -27.61 11.50
CA VAL A 4 -27.18 -26.63 12.32
C VAL A 4 -27.85 -25.27 12.15
N GLU A 5 -28.17 -24.61 13.27
CA GLU A 5 -28.65 -23.23 13.19
C GLU A 5 -27.50 -22.26 12.93
N LEU A 6 -27.72 -21.38 11.96
CA LEU A 6 -26.75 -20.36 11.59
C LEU A 6 -27.44 -19.00 11.77
N VAL A 7 -27.14 -18.34 12.90
CA VAL A 7 -27.89 -17.15 13.26
C VAL A 7 -27.07 -15.92 12.96
N ALA A 8 -27.51 -15.14 11.98
CA ALA A 8 -26.90 -13.83 11.71
C ALA A 8 -27.37 -12.87 12.82
N GLN A 9 -26.45 -12.34 13.62
CA GLN A 9 -26.81 -11.49 14.77
C GLN A 9 -25.74 -10.46 15.17
N PRO A 10 -26.10 -9.47 16.02
CA PRO A 10 -25.04 -8.60 16.55
C PRO A 10 -24.08 -9.43 17.41
N VAL A 11 -22.79 -9.13 17.34
CA VAL A 11 -21.80 -9.87 18.07
C VAL A 11 -20.68 -8.89 18.36
N ASN A 12 -19.67 -9.36 19.08
CA ASN A 12 -18.43 -8.59 19.29
C ASN A 12 -17.25 -9.43 18.81
N ALA A 13 -16.22 -8.75 18.33
CA ALA A 13 -15.02 -9.48 17.94
C ALA A 13 -13.81 -8.77 18.45
N GLN A 14 -12.82 -9.54 18.90
CA GLN A 14 -11.56 -8.94 19.29
C GLN A 14 -10.66 -8.83 18.06
N ILE A 15 -10.70 -7.68 17.41
CA ILE A 15 -9.90 -7.44 16.21
C ILE A 15 -8.56 -6.78 16.55
N LEU A 16 -8.62 -5.65 17.26
CA LEU A 16 -7.45 -4.97 17.79
C LEU A 16 -6.76 -5.90 18.80
N PRO A 17 -5.48 -5.66 19.12
CA PRO A 17 -4.72 -6.48 20.03
C PRO A 17 -5.36 -6.60 21.41
N GLU A 18 -4.94 -7.63 22.16
CA GLU A 18 -5.42 -7.83 23.51
C GLU A 18 -5.13 -6.63 24.38
N GLY A 19 -6.09 -6.31 25.23
CA GLY A 19 -6.01 -5.11 26.06
C GLY A 19 -6.55 -3.86 25.37
N GLU A 20 -6.78 -3.96 24.05
CA GLU A 20 -7.45 -2.91 23.29
C GLU A 20 -8.91 -3.32 23.05
N PRO A 21 -9.76 -2.34 22.70
CA PRO A 21 -11.22 -2.54 22.71
C PRO A 21 -11.74 -3.51 21.66
N ALA A 22 -12.71 -4.32 22.03
CA ALA A 22 -13.39 -5.21 21.13
C ALA A 22 -14.23 -4.37 20.17
N THR A 23 -14.72 -4.99 19.10
CA THR A 23 -15.41 -4.26 18.05
C THR A 23 -16.81 -4.86 17.86
N PRO A 24 -17.86 -4.02 17.95
CA PRO A 24 -19.24 -4.45 17.72
C PRO A 24 -19.50 -4.61 16.25
N MET A 25 -20.13 -5.71 15.86
CA MET A 25 -20.49 -5.89 14.46
C MET A 25 -21.57 -6.94 14.28
N LEU A 26 -21.83 -7.34 13.03
CA LEU A 26 -22.74 -8.48 12.76
C LEU A 26 -21.92 -9.71 12.54
N GLY A 27 -22.37 -10.85 13.08
CA GLY A 27 -21.70 -12.11 12.83
C GLY A 27 -22.68 -13.26 12.91
N PHE A 28 -22.14 -14.45 13.11
CA PHE A 28 -22.96 -15.65 13.12
C PHE A 28 -22.65 -16.39 14.39
N ASN A 29 -23.68 -16.79 15.09
CA ASN A 29 -23.54 -17.65 16.26
C ASN A 29 -22.59 -17.12 17.36
N GLY A 30 -22.71 -15.83 17.66
CA GLY A 30 -22.02 -15.22 18.82
C GLY A 30 -20.61 -14.74 18.48
N GLY A 31 -20.21 -14.80 17.21
CA GLY A 31 -18.83 -14.38 16.81
C GLY A 31 -18.69 -13.99 15.35
N THR A 32 -17.53 -13.42 15.01
CA THR A 32 -17.08 -13.27 13.63
C THR A 32 -15.55 -13.49 13.57
N PRO A 33 -15.07 -14.33 12.65
CA PRO A 33 -15.77 -15.14 11.67
C PRO A 33 -16.85 -16.02 12.28
N GLY A 34 -17.86 -16.39 11.48
CA GLY A 34 -18.80 -17.41 11.95
C GLY A 34 -18.12 -18.78 12.09
N PRO A 35 -18.87 -19.76 12.60
CA PRO A 35 -18.43 -21.14 12.79
C PRO A 35 -17.90 -21.77 11.49
N VAL A 36 -16.92 -22.66 11.62
CA VAL A 36 -16.45 -23.52 10.54
C VAL A 36 -17.51 -24.59 10.27
N LEU A 37 -18.10 -24.56 9.09
CA LEU A 37 -19.01 -25.61 8.65
C LEU A 37 -18.22 -26.68 7.91
N ARG A 38 -18.40 -27.94 8.34
CA ARG A 38 -17.64 -29.07 7.86
C ARG A 38 -18.56 -30.17 7.38
N ALA A 39 -18.21 -30.81 6.27
CA ALA A 39 -18.86 -32.05 5.82
C ALA A 39 -17.92 -32.80 4.88
N ARG A 40 -18.02 -34.13 4.80
CA ARG A 40 -17.22 -34.89 3.84
C ARG A 40 -17.77 -34.66 2.43
N GLN A 41 -16.89 -34.67 1.45
CA GLN A 41 -17.34 -34.64 0.05
C GLN A 41 -18.48 -35.67 -0.16
N GLY A 42 -19.56 -35.22 -0.81
CA GLY A 42 -20.66 -36.11 -1.19
C GLY A 42 -21.82 -36.04 -0.20
N GLU A 43 -21.54 -35.46 0.96
CA GLU A 43 -22.52 -35.38 2.05
C GLU A 43 -23.38 -34.11 2.01
N VAL A 44 -24.44 -34.14 2.79
CA VAL A 44 -25.41 -33.07 2.81
C VAL A 44 -25.10 -32.09 3.92
N PHE A 45 -25.05 -30.81 3.57
CA PHE A 45 -25.10 -29.71 4.53
C PHE A 45 -26.56 -29.35 4.70
N ASP A 46 -27.05 -29.43 5.93
CA ASP A 46 -28.40 -28.99 6.25
CA ASP A 46 -28.39 -28.94 6.22
C ASP A 46 -28.27 -27.82 7.24
N ILE A 47 -28.60 -26.61 6.79
CA ILE A 47 -28.35 -25.37 7.54
C ILE A 47 -29.64 -24.57 7.73
N ARG A 48 -30.02 -24.32 8.99
CA ARG A 48 -31.15 -23.44 9.25
C ARG A 48 -30.65 -22.01 9.53
N PHE A 49 -30.73 -21.15 8.49
CA PHE A 49 -30.41 -19.74 8.59
C PHE A 49 -31.49 -18.96 9.31
N GLN A 50 -31.07 -18.18 10.31
CA GLN A 50 -31.98 -17.35 11.11
C GLN A 50 -31.52 -15.88 11.08
N ASN A 51 -32.39 -14.99 10.63
CA ASN A 51 -32.07 -13.57 10.47
C ASN A 51 -32.37 -12.74 11.74
N GLN A 52 -31.34 -12.46 12.55
CA GLN A 52 -31.49 -11.56 13.71
C GLN A 52 -30.72 -10.24 13.51
N ILE A 53 -30.70 -9.72 12.30
CA ILE A 53 -29.91 -8.51 12.07
C ILE A 53 -30.74 -7.28 11.73
N GLY A 54 -32.06 -7.45 11.68
CA GLY A 54 -32.96 -6.31 11.56
C GLY A 54 -33.19 -5.87 10.12
N GLU A 55 -32.60 -6.58 9.15
CA GLU A 55 -32.81 -6.23 7.75
C GLU A 55 -32.79 -7.47 6.87
N GLY A 56 -33.31 -7.37 5.65
CA GLY A 56 -33.32 -8.45 4.66
C GLY A 56 -31.94 -9.07 4.54
N SER A 57 -31.87 -10.39 4.34
CA SER A 57 -30.58 -11.06 4.22
C SER A 57 -30.75 -12.39 3.53
N ALA A 58 -29.61 -13.02 3.24
CA ALA A 58 -29.54 -14.36 2.68
C ALA A 58 -28.06 -14.74 2.68
N VAL A 59 -27.75 -16.03 2.49
CA VAL A 59 -26.39 -16.53 2.56
C VAL A 59 -25.92 -17.16 1.24
N HIS A 60 -24.77 -16.71 0.73
CA HIS A 60 -24.15 -17.30 -0.46
C HIS A 60 -23.04 -18.27 -0.02
N TRP A 61 -23.03 -19.45 -0.61
CA TRP A 61 -22.02 -20.46 -0.35
C TRP A 61 -21.02 -20.31 -1.49
N HIS A 62 -19.91 -19.64 -1.20
CA HIS A 62 -18.98 -19.12 -2.21
C HIS A 62 -18.07 -20.20 -2.82
N GLY A 63 -18.30 -20.54 -4.08
CA GLY A 63 -17.60 -21.68 -4.76
C GLY A 63 -18.32 -23.03 -4.78
N LEU A 64 -19.48 -23.10 -4.17
CA LEU A 64 -20.19 -24.36 -4.12
C LEU A 64 -20.89 -24.56 -5.47
N ARG A 65 -20.54 -25.64 -6.16
CA ARG A 65 -21.20 -26.05 -7.38
C ARG A 65 -22.42 -26.86 -6.96
N ILE A 66 -23.48 -26.17 -6.53
CA ILE A 66 -24.62 -26.81 -5.86
C ILE A 66 -25.97 -26.53 -6.53
N ASP A 67 -27.02 -27.15 -5.98
CA ASP A 67 -28.38 -26.85 -6.41
C ASP A 67 -28.66 -25.33 -6.36
N ASN A 68 -29.15 -24.82 -7.49
CA ASN A 68 -29.36 -23.40 -7.72
C ASN A 68 -30.28 -22.75 -6.70
N ALA A 69 -31.28 -23.52 -6.22
CA ALA A 69 -32.29 -23.01 -5.30
C ALA A 69 -31.66 -22.61 -3.98
N MET A 70 -30.42 -23.07 -3.78
CA MET A 70 -29.70 -22.91 -2.54
C MET A 70 -28.55 -21.86 -2.62
N ASP A 71 -28.44 -21.15 -3.75
CA ASP A 71 -27.26 -20.31 -4.05
C ASP A 71 -27.24 -18.99 -3.25
N GLY A 72 -28.41 -18.55 -2.78
CA GLY A 72 -28.51 -17.43 -1.85
C GLY A 72 -28.53 -16.06 -2.49
N VAL A 73 -29.17 -15.94 -3.64
CA VAL A 73 -29.27 -14.68 -4.36
C VAL A 73 -30.73 -14.20 -4.36
N PRO A 74 -31.10 -13.31 -3.43
CA PRO A 74 -32.48 -12.77 -3.38
C PRO A 74 -32.94 -12.16 -4.71
N GLY A 75 -34.19 -12.41 -5.10
CA GLY A 75 -34.75 -11.91 -6.35
C GLY A 75 -34.36 -12.72 -7.59
N MET A 76 -33.54 -13.75 -7.38
CA MET A 76 -33.11 -14.61 -8.46
C MET A 76 -33.25 -16.08 -8.09
N THR A 77 -32.81 -16.42 -6.89
CA THR A 77 -32.74 -17.82 -6.52
C THR A 77 -33.68 -18.09 -5.34
N GLN A 78 -34.02 -17.03 -4.61
CA GLN A 78 -34.94 -17.07 -3.48
C GLN A 78 -35.53 -15.69 -3.20
N ASP A 79 -36.58 -15.65 -2.40
CA ASP A 79 -36.98 -14.43 -1.75
C ASP A 79 -35.91 -14.08 -0.71
N VAL A 80 -35.68 -12.79 -0.52
CA VAL A 80 -34.90 -12.30 0.60
C VAL A 80 -35.45 -12.86 1.91
N VAL A 81 -34.59 -13.12 2.89
CA VAL A 81 -35.01 -13.56 4.20
C VAL A 81 -35.28 -12.32 5.03
N GLU A 82 -36.54 -12.03 5.30
CA GLU A 82 -36.89 -10.83 6.03
C GLU A 82 -36.36 -10.96 7.44
N ALA A 83 -36.23 -9.82 8.12
CA ALA A 83 -35.76 -9.84 9.49
C ALA A 83 -36.72 -10.68 10.32
N GLY A 84 -36.16 -11.48 11.23
CA GLY A 84 -36.95 -12.35 12.08
C GLY A 84 -37.32 -13.66 11.40
N GLY A 85 -36.97 -13.78 10.13
CA GLY A 85 -37.33 -14.96 9.34
C GLY A 85 -36.23 -16.00 9.28
N GLU A 86 -36.51 -17.08 8.58
CA GLU A 86 -35.56 -18.16 8.45
C GLU A 86 -35.55 -18.75 7.03
N PHE A 87 -34.53 -19.53 6.74
CA PHE A 87 -34.38 -20.20 5.46
C PHE A 87 -33.61 -21.48 5.70
N GLU A 88 -34.09 -22.53 5.10
CA GLU A 88 -33.46 -23.83 5.23
C GLU A 88 -32.52 -24.05 4.03
N TYR A 89 -31.22 -24.05 4.28
CA TYR A 89 -30.27 -24.36 3.19
C TYR A 89 -29.86 -25.80 3.25
N SER A 90 -30.13 -26.53 2.18
CA SER A 90 -29.78 -27.92 2.14
C SER A 90 -29.21 -28.35 0.80
N PHE A 91 -27.93 -28.72 0.79
CA PHE A 91 -27.27 -29.13 -0.45
C PHE A 91 -26.16 -30.13 -0.18
N ARG A 92 -25.92 -30.98 -1.18
CA ARG A 92 -24.78 -31.90 -1.19
C ARG A 92 -23.57 -31.13 -1.69
N ALA A 93 -22.43 -31.27 -1.02
CA ALA A 93 -21.20 -30.63 -1.49
C ALA A 93 -20.41 -31.65 -2.31
N PRO A 94 -20.21 -31.38 -3.60
CA PRO A 94 -19.63 -32.41 -4.46
C PRO A 94 -18.11 -32.31 -4.59
N ASP A 95 -17.53 -31.18 -4.17
CA ASP A 95 -16.07 -31.01 -4.28
C ASP A 95 -15.39 -30.83 -2.97
N ALA A 96 -14.27 -31.52 -2.82
CA ALA A 96 -13.47 -31.41 -1.60
C ALA A 96 -12.69 -30.10 -1.66
N GLY A 97 -12.72 -29.34 -0.57
CA GLY A 97 -11.82 -28.21 -0.49
C GLY A 97 -12.25 -27.11 0.48
N THR A 98 -11.52 -26.00 0.41
CA THR A 98 -11.75 -24.80 1.22
C THR A 98 -12.68 -23.85 0.48
N PHE A 99 -13.85 -23.70 1.05
CA PHE A 99 -14.84 -22.78 0.49
C PHE A 99 -15.17 -21.77 1.58
N TRP A 100 -16.16 -20.89 1.36
CA TRP A 100 -16.66 -20.04 2.42
C TRP A 100 -18.07 -19.60 2.19
N TYR A 101 -18.65 -18.94 3.18
CA TYR A 101 -20.02 -18.49 3.08
C TYR A 101 -20.14 -17.03 3.55
N HIS A 102 -21.03 -16.25 2.97
CA HIS A 102 -21.14 -14.88 3.42
C HIS A 102 -22.52 -14.33 3.08
N SER A 103 -22.97 -13.31 3.79
CA SER A 103 -24.21 -12.69 3.39
C SER A 103 -24.12 -12.27 1.90
N HIS A 104 -25.25 -12.37 1.23
CA HIS A 104 -25.32 -12.12 -0.22
C HIS A 104 -24.90 -10.72 -0.62
N ASN A 105 -25.02 -9.75 0.31
CA ASN A 105 -24.74 -8.37 0.00
C ASN A 105 -23.43 -7.86 0.63
N ARG A 106 -22.58 -8.77 1.08
CA ARG A 106 -21.36 -8.40 1.80
C ARG A 106 -20.40 -7.44 1.07
N SER A 107 -20.42 -7.49 -0.26
CA SER A 107 -19.49 -6.69 -1.08
C SER A 107 -19.90 -5.26 -1.17
N TRP A 108 -21.14 -4.97 -0.81
CA TRP A 108 -21.61 -3.59 -0.92
C TRP A 108 -22.33 -3.06 0.33
N GLU A 109 -22.40 -3.86 1.39
CA GLU A 109 -22.99 -3.37 2.62
C GLU A 109 -21.98 -3.48 3.76
N GLN A 110 -21.55 -2.32 4.24
CA GLN A 110 -20.60 -2.20 5.32
C GLN A 110 -21.07 -2.92 6.59
N VAL A 111 -22.36 -2.84 6.94
CA VAL A 111 -22.88 -3.57 8.13
C VAL A 111 -22.64 -5.07 8.09
N ALA A 112 -22.60 -5.64 6.88
CA ALA A 112 -22.40 -7.08 6.71
C ALA A 112 -20.92 -7.51 6.83
N LYS A 113 -20.06 -6.55 7.22
CA LYS A 113 -18.62 -6.86 7.25
C LYS A 113 -18.29 -8.21 7.95
N GLY A 114 -18.93 -8.46 9.09
CA GLY A 114 -18.59 -9.64 9.90
C GLY A 114 -19.32 -10.91 9.53
N LEU A 115 -20.20 -10.82 8.53
CA LEU A 115 -21.15 -11.89 8.22
C LEU A 115 -20.52 -12.84 7.22
N TYR A 116 -19.54 -13.62 7.70
CA TYR A 116 -18.92 -14.61 6.87
C TYR A 116 -18.29 -15.65 7.78
N GLY A 117 -17.89 -16.76 7.15
CA GLY A 117 -17.09 -17.79 7.76
C GLY A 117 -16.65 -18.83 6.73
N PRO A 118 -15.89 -19.82 7.17
CA PRO A 118 -15.33 -20.84 6.32
C PRO A 118 -16.23 -22.07 6.24
N LEU A 119 -16.19 -22.68 5.06
CA LEU A 119 -16.90 -23.92 4.79
C LEU A 119 -15.88 -24.92 4.23
N ILE A 120 -15.62 -25.97 5.00
CA ILE A 120 -14.67 -27.00 4.64
C ILE A 120 -15.38 -28.29 4.20
N VAL A 121 -15.14 -28.68 2.96
CA VAL A 121 -15.58 -30.00 2.47
C VAL A 121 -14.39 -30.95 2.45
N GLU A 122 -14.44 -31.99 3.28
CA GLU A 122 -13.29 -32.86 3.53
C GLU A 122 -13.12 -33.90 2.43
N GLU A 123 -11.86 -34.25 2.12
CA GLU A 123 -11.56 -35.35 1.20
C GLU A 123 -11.95 -36.63 1.94
N PRO A 124 -12.41 -37.68 1.23
CA PRO A 124 -12.67 -38.98 1.86
C PRO A 124 -11.47 -39.52 2.64
N THR A 125 -10.25 -39.36 2.11
CA THR A 125 -9.04 -39.65 2.89
C THR A 125 -8.12 -38.44 2.80
N PRO A 126 -8.14 -37.56 3.82
CA PRO A 126 -7.36 -36.31 3.73
C PRO A 126 -5.86 -36.60 3.71
N PRO A 127 -5.04 -35.62 3.25
CA PRO A 127 -3.59 -35.88 3.29
C PRO A 127 -3.07 -35.92 4.72
N ASP A 128 -1.87 -36.46 4.88
CA ASP A 128 -1.27 -36.65 6.17
C ASP A 128 -0.70 -35.33 6.70
N VAL A 129 -1.40 -34.69 7.60
CA VAL A 129 -0.87 -33.49 8.21
C VAL A 129 -1.11 -33.54 9.69
N ASP A 130 -0.28 -32.81 10.43
CA ASP A 130 -0.47 -32.68 11.89
C ASP A 130 -1.52 -31.66 12.32
N HIS A 131 -1.62 -30.55 11.59
CA HIS A 131 -2.62 -29.51 11.90
C HIS A 131 -3.19 -28.94 10.62
N ASP A 132 -4.50 -28.71 10.66
CA ASP A 132 -5.25 -28.20 9.54
C ASP A 132 -5.86 -26.88 10.01
N LEU A 133 -5.26 -25.77 9.58
CA LEU A 133 -5.63 -24.43 10.06
C LEU A 133 -6.21 -23.57 8.94
N ILE A 134 -7.17 -22.72 9.30
CA ILE A 134 -7.82 -21.85 8.34
C ILE A 134 -7.33 -20.42 8.61
N ILE A 135 -6.92 -19.72 7.55
CA ILE A 135 -6.34 -18.40 7.69
C ILE A 135 -7.18 -17.43 6.88
N MET A 136 -7.95 -16.62 7.60
CA MET A 136 -8.83 -15.64 6.99
C MET A 136 -8.17 -14.26 7.10
N ILE A 137 -7.87 -13.69 5.95
CA ILE A 137 -7.20 -12.40 5.93
C ILE A 137 -8.22 -11.33 5.58
N ASP A 138 -8.28 -10.28 6.39
CA ASP A 138 -9.25 -9.21 6.18
C ASP A 138 -8.55 -7.91 6.56
N ASP A 139 -9.03 -6.78 6.09
CA ASP A 139 -8.55 -5.54 6.69
C ASP A 139 -9.66 -4.68 7.24
N TRP A 140 -9.31 -3.68 8.04
CA TRP A 140 -10.35 -2.99 8.78
C TRP A 140 -9.96 -1.53 9.00
N ARG A 141 -10.95 -0.66 9.01
CA ARG A 141 -10.75 0.72 9.43
C ARG A 141 -11.50 0.81 10.73
N ILE A 142 -10.75 0.86 11.81
CA ILE A 142 -11.33 0.83 13.19
C ILE A 142 -10.97 2.11 13.93
N THR A 143 -11.94 2.76 14.58
CA THR A 143 -11.68 4.00 15.33
C THR A 143 -10.92 3.69 16.61
N GLU A 144 -10.59 4.75 17.32
CA GLU A 144 -9.89 4.70 18.60
C GLU A 144 -10.61 3.86 19.66
N ASN A 145 -11.93 3.91 19.70
CA ASN A 145 -12.60 3.07 20.67
C ASN A 145 -13.15 1.77 20.09
N GLY A 146 -12.55 1.30 19.00
CA GLY A 146 -12.87 0.01 18.44
C GLY A 146 -14.07 -0.12 17.51
N VAL A 147 -14.79 0.97 17.27
CA VAL A 147 -15.93 1.00 16.38
C VAL A 147 -15.40 0.95 14.95
N LEU A 148 -16.07 0.22 14.08
CA LEU A 148 -15.70 0.22 12.66
C LEU A 148 -15.93 1.61 12.10
N ALA A 149 -14.96 2.11 11.34
CA ALA A 149 -15.14 3.37 10.62
C ALA A 149 -15.66 3.03 9.23
N HIS A 160 -11.62 5.20 -4.29
CA HIS A 160 -12.36 6.27 -3.61
C HIS A 160 -12.86 5.89 -2.20
N GLN A 161 -11.92 5.53 -1.30
CA GLN A 161 -12.17 5.53 0.19
C GLN A 161 -11.60 6.77 0.94
N GLY A 162 -10.57 7.38 0.37
CA GLY A 162 -9.83 8.47 1.02
C GLY A 162 -8.76 7.89 1.94
N ARG A 163 -8.85 6.59 2.19
CA ARG A 163 -7.98 5.96 3.17
C ARG A 163 -7.06 4.91 2.56
N LEU A 164 -5.80 4.99 2.97
CA LEU A 164 -4.81 3.98 2.71
C LEU A 164 -4.97 2.87 3.75
N GLY A 165 -5.08 1.66 3.22
CA GLY A 165 -5.30 0.46 4.00
C GLY A 165 -4.36 0.35 5.17
N ASN A 166 -4.96 0.29 6.36
CA ASN A 166 -4.17 0.37 7.57
C ASN A 166 -4.09 -0.85 8.52
N PHE A 167 -5.22 -1.43 8.89
CA PHE A 167 -5.18 -2.56 9.82
C PHE A 167 -5.66 -3.81 9.10
N ALA A 168 -4.74 -4.73 8.85
CA ALA A 168 -5.04 -5.96 8.13
C ALA A 168 -4.59 -7.09 9.06
N ARG A 169 -5.36 -8.16 9.14
CA ARG A 169 -5.00 -9.29 9.97
C ARG A 169 -5.33 -10.59 9.31
N ALA A 170 -4.50 -11.58 9.58
CA ALA A 170 -4.74 -12.97 9.27
C ALA A 170 -5.27 -13.65 10.53
N LEU A 171 -6.52 -14.04 10.54
CA LEU A 171 -7.12 -14.72 11.68
C LEU A 171 -6.97 -16.20 11.47
N VAL A 172 -6.46 -16.88 12.51
CA VAL A 172 -6.09 -18.26 12.44
C VAL A 172 -7.14 -19.05 13.20
N GLU A 173 -7.68 -20.07 12.57
CA GLU A 173 -8.71 -20.90 13.20
C GLU A 173 -8.38 -22.36 12.98
N PRO A 174 -8.19 -23.13 14.08
CA PRO A 174 -8.19 -22.65 15.48
C PRO A 174 -6.81 -22.11 15.85
N VAL A 175 -6.71 -21.38 16.96
CA VAL A 175 -5.42 -20.99 17.50
C VAL A 175 -4.90 -22.15 18.32
N THR A 176 -3.81 -22.73 17.85
CA THR A 176 -3.39 -23.97 18.38
C THR A 176 -1.87 -23.89 18.35
N PRO A 177 -1.20 -24.51 19.33
CA PRO A 177 0.25 -24.44 19.28
C PRO A 177 0.77 -25.51 18.33
N VAL A 178 1.76 -25.15 17.53
CA VAL A 178 2.30 -26.02 16.51
C VAL A 178 3.78 -26.29 16.83
N ARG A 179 4.28 -27.47 16.47
CA ARG A 179 5.67 -27.85 16.81
C ARG A 179 6.57 -27.74 15.59
N ARG A 180 7.86 -27.47 15.81
CA ARG A 180 8.86 -27.48 14.74
C ARG A 180 8.97 -28.91 14.22
N GLY A 181 8.83 -29.08 12.91
CA GLY A 181 8.76 -30.42 12.33
C GLY A 181 7.34 -30.92 12.07
N ASP A 182 6.33 -30.22 12.56
CA ASP A 182 4.94 -30.54 12.19
C ASP A 182 4.69 -30.29 10.72
N ARG A 183 3.82 -31.09 10.12
CA ARG A 183 3.34 -30.80 8.78
C ARG A 183 2.00 -30.11 8.89
N VAL A 184 1.90 -28.89 8.39
CA VAL A 184 0.64 -28.15 8.48
C VAL A 184 -0.05 -27.95 7.15
N ARG A 185 -1.37 -28.11 7.14
CA ARG A 185 -2.21 -27.63 6.06
C ARG A 185 -2.74 -26.23 6.42
N LEU A 186 -2.45 -25.25 5.56
CA LEU A 186 -2.83 -23.89 5.74
C LEU A 186 -3.81 -23.46 4.63
N ARG A 187 -5.06 -23.22 5.02
CA ARG A 187 -6.17 -22.84 4.14
C ARG A 187 -6.39 -21.32 4.15
N LEU A 188 -5.81 -20.67 3.14
CA LEU A 188 -5.77 -19.22 3.12
C LEU A 188 -6.99 -18.74 2.40
N ILE A 189 -7.64 -17.78 3.01
CA ILE A 189 -8.81 -17.20 2.40
C ILE A 189 -8.71 -15.70 2.51
N ASN A 190 -8.81 -15.01 1.38
CA ASN A 190 -8.89 -13.55 1.38
C ASN A 190 -10.36 -13.17 1.54
N VAL A 191 -10.75 -12.77 2.76
CA VAL A 191 -12.16 -12.47 3.04
C VAL A 191 -12.44 -10.96 2.97
N ALA A 192 -11.42 -10.16 2.67
CA ALA A 192 -11.64 -8.74 2.36
C ALA A 192 -12.52 -8.55 1.12
N THR A 193 -13.31 -7.48 1.10
CA THR A 193 -14.13 -7.21 -0.06
C THR A 193 -13.38 -6.31 -1.07
N ASP A 194 -12.36 -5.59 -0.61
CA ASP A 194 -11.89 -4.43 -1.35
C ASP A 194 -10.39 -4.33 -1.45
N ARG A 195 -9.68 -5.35 -0.98
CA ARG A 195 -8.21 -5.37 -0.89
CA ARG A 195 -8.23 -5.33 -1.06
C ARG A 195 -7.62 -6.62 -1.52
N ILE A 196 -6.56 -6.47 -2.29
CA ILE A 196 -5.82 -7.60 -2.82
C ILE A 196 -4.61 -7.76 -1.92
N PHE A 197 -4.37 -8.98 -1.48
CA PHE A 197 -3.28 -9.28 -0.57
C PHE A 197 -2.23 -10.19 -1.24
N PRO A 198 -1.03 -9.66 -1.50
CA PRO A 198 0.09 -10.59 -1.67
C PRO A 198 0.36 -11.19 -0.33
N VAL A 199 0.61 -12.49 -0.27
CA VAL A 199 0.88 -13.13 1.00
C VAL A 199 2.16 -13.94 0.94
N GLU A 200 3.15 -13.51 1.71
CA GLU A 200 4.40 -14.27 1.88
C GLU A 200 4.34 -15.13 3.14
N LEU A 201 4.62 -16.42 2.97
CA LEU A 201 4.73 -17.31 4.13
C LEU A 201 6.13 -17.31 4.67
N GLU A 202 6.27 -17.22 5.98
CA GLU A 202 7.59 -17.40 6.62
C GLU A 202 7.60 -18.53 7.64
N GLY A 203 8.76 -19.17 7.80
CA GLY A 203 8.95 -20.24 8.79
C GLY A 203 8.47 -21.61 8.38
N VAL A 204 8.03 -21.75 7.14
CA VAL A 204 7.55 -23.04 6.65
C VAL A 204 8.08 -23.28 5.26
N GLU A 205 8.05 -24.55 4.87
CA GLU A 205 8.49 -24.97 3.55
C GLU A 205 7.53 -26.02 2.97
N GLY A 206 7.07 -25.75 1.76
CA GLY A 206 6.13 -26.65 1.09
C GLY A 206 5.57 -25.97 -0.13
N LYS A 207 4.29 -26.22 -0.40
CA LYS A 207 3.71 -25.89 -1.71
C LYS A 207 2.22 -25.58 -1.69
N VAL A 208 1.83 -24.66 -2.57
CA VAL A 208 0.42 -24.48 -2.92
C VAL A 208 -0.10 -25.76 -3.55
N VAL A 209 -1.14 -26.37 -2.96
CA VAL A 209 -1.73 -27.59 -3.48
C VAL A 209 -3.15 -27.43 -4.03
N ALA A 210 -3.82 -26.32 -3.74
CA ALA A 210 -5.13 -26.01 -4.34
C ALA A 210 -5.39 -24.51 -4.46
N LEU A 211 -6.23 -24.14 -5.43
CA LEU A 211 -6.74 -22.77 -5.51
C LEU A 211 -8.26 -22.78 -5.62
N ASP A 212 -8.92 -21.91 -4.84
CA ASP A 212 -10.38 -21.82 -4.87
C ASP A 212 -11.08 -23.18 -4.68
N GLY A 213 -10.56 -23.98 -3.77
CA GLY A 213 -11.18 -25.28 -3.49
C GLY A 213 -10.83 -26.35 -4.52
N MET A 214 -10.04 -26.00 -5.53
CA MET A 214 -9.72 -26.94 -6.62
C MET A 214 -8.24 -27.32 -6.67
N PRO A 215 -7.93 -28.59 -6.36
CA PRO A 215 -6.58 -29.16 -6.39
C PRO A 215 -5.89 -28.94 -7.74
N ILE A 216 -4.60 -28.60 -7.69
CA ILE A 216 -3.80 -28.44 -8.88
C ILE A 216 -2.96 -29.70 -9.08
N VAL A 217 -2.73 -30.04 -10.33
CA VAL A 217 -2.01 -31.25 -10.70
C VAL A 217 -0.59 -31.29 -10.10
N ASP A 218 0.17 -30.22 -10.32
CA ASP A 218 1.52 -30.18 -9.74
C ASP A 218 1.63 -29.05 -8.74
N PRO A 219 1.89 -29.42 -7.46
CA PRO A 219 2.01 -28.43 -6.38
C PRO A 219 3.09 -27.41 -6.71
N GLN A 220 2.88 -26.15 -6.30
CA GLN A 220 3.73 -25.05 -6.78
C GLN A 220 4.31 -24.31 -5.60
N GLU A 221 5.46 -23.68 -5.83
CA GLU A 221 6.06 -22.77 -4.85
C GLU A 221 5.02 -21.72 -4.45
N PHE A 222 5.08 -21.27 -3.21
CA PHE A 222 4.07 -20.32 -2.73
C PHE A 222 4.61 -18.88 -2.79
N SER A 223 5.90 -18.75 -3.07
CA SER A 223 6.51 -17.45 -3.34
C SER A 223 5.75 -16.66 -4.41
N GLY A 224 5.62 -15.35 -4.19
CA GLY A 224 4.82 -14.50 -5.06
C GLY A 224 3.31 -14.69 -4.98
N LEU A 225 2.81 -15.52 -4.05
CA LEU A 225 1.35 -15.75 -3.91
C LEU A 225 0.55 -14.45 -3.75
N ILE A 226 -0.48 -14.29 -4.58
CA ILE A 226 -1.42 -13.19 -4.43
C ILE A 226 -2.83 -13.70 -4.33
N LEU A 227 -3.58 -13.19 -3.35
CA LEU A 227 -5.00 -13.50 -3.23
C LEU A 227 -5.84 -12.27 -3.45
N ALA A 228 -6.65 -12.30 -4.51
CA ALA A 228 -7.67 -11.26 -4.68
C ALA A 228 -8.85 -11.54 -3.75
N PRO A 229 -9.78 -10.57 -3.62
CA PRO A 229 -10.94 -10.77 -2.73
C PRO A 229 -11.64 -12.09 -3.00
N ALA A 230 -11.95 -12.87 -1.95
CA ALA A 230 -12.77 -14.11 -2.01
C ALA A 230 -12.01 -15.34 -2.52
N GLN A 231 -10.78 -15.14 -2.98
CA GLN A 231 -9.89 -16.23 -3.45
C GLN A 231 -9.28 -17.01 -2.29
N ARG A 232 -9.02 -18.27 -2.55
CA ARG A 232 -8.43 -19.18 -1.57
C ARG A 232 -7.19 -19.83 -2.15
N ALA A 233 -6.24 -20.17 -1.29
CA ALA A 233 -5.17 -21.06 -1.68
C ALA A 233 -4.91 -22.02 -0.53
N ASP A 234 -4.80 -23.31 -0.84
CA ASP A 234 -4.38 -24.30 0.16
C ASP A 234 -2.85 -24.52 0.09
N ILE A 235 -2.20 -24.54 1.25
CA ILE A 235 -0.78 -24.76 1.32
C ILE A 235 -0.49 -25.93 2.26
N ILE A 236 0.31 -26.88 1.78
CA ILE A 236 0.82 -27.83 2.71
C ILE A 236 2.32 -27.57 2.83
N ALA A 237 2.80 -27.51 4.06
CA ALA A 237 4.17 -27.19 4.30
C ALA A 237 4.61 -27.77 5.63
N ASP A 238 5.92 -27.90 5.79
CA ASP A 238 6.53 -28.38 7.01
C ASP A 238 7.05 -27.19 7.79
N VAL A 239 6.90 -27.23 9.11
CA VAL A 239 7.40 -26.17 9.97
C VAL A 239 8.91 -26.33 10.11
N ILE A 240 9.67 -25.41 9.53
CA ILE A 240 11.13 -25.64 9.46
C ILE A 240 11.97 -25.04 10.59
N THR A 241 11.38 -24.23 11.47
CA THR A 241 12.18 -23.59 12.53
C THR A 241 11.46 -23.41 13.87
N ASP A 242 12.10 -22.70 14.80
CA ASP A 242 11.53 -22.38 16.12
C ASP A 242 10.78 -21.04 16.15
N ALA A 243 10.94 -20.25 15.09
CA ALA A 243 10.23 -18.98 15.00
C ALA A 243 8.79 -19.29 14.64
N PRO A 244 7.86 -18.41 15.03
CA PRO A 244 6.48 -18.66 14.64
C PRO A 244 6.36 -18.71 13.12
N ILE A 245 5.37 -19.43 12.63
CA ILE A 245 4.98 -19.31 11.23
C ILE A 245 4.39 -17.90 11.06
N GLY A 246 4.82 -17.20 10.01
CA GLY A 246 4.40 -15.80 9.77
C GLY A 246 3.74 -15.62 8.42
N PHE A 247 2.68 -14.81 8.39
CA PHE A 247 1.96 -14.43 7.19
C PHE A 247 2.25 -12.94 6.90
N VAL A 248 3.00 -12.71 5.84
CA VAL A 248 3.52 -11.38 5.58
C VAL A 248 2.93 -10.72 4.35
N PHE A 249 2.62 -9.43 4.50
CA PHE A 249 2.19 -8.59 3.40
C PHE A 249 3.39 -7.69 3.04
N PRO A 250 4.12 -8.04 1.97
CA PRO A 250 5.31 -7.31 1.60
C PRO A 250 4.92 -5.97 0.98
N THR A 251 5.60 -4.92 1.38
CA THR A 251 5.29 -3.60 0.85
C THR A 251 6.57 -2.80 0.60
N ARG A 252 6.41 -1.74 -0.18
CA ARG A 252 7.47 -0.80 -0.54
CA ARG A 252 7.51 -0.87 -0.55
C ARG A 252 8.17 -0.25 0.69
N ASP A 253 7.43 -0.12 1.78
CA ASP A 253 7.90 0.48 3.02
C ASP A 253 8.39 -0.58 4.01
N GLY A 254 8.36 -1.84 3.56
CA GLY A 254 8.81 -2.95 4.35
C GLY A 254 7.66 -3.90 4.67
N PRO A 255 7.99 -5.08 5.23
CA PRO A 255 7.00 -6.12 5.51
C PRO A 255 5.98 -5.70 6.58
N TYR A 256 4.74 -6.02 6.33
CA TYR A 256 3.68 -5.81 7.32
C TYR A 256 3.30 -7.21 7.87
N LEU A 257 3.34 -7.41 9.17
CA LEU A 257 2.95 -8.72 9.72
C LEU A 257 1.42 -8.85 9.90
N LEU A 258 0.79 -9.71 9.07
CA LEU A 258 -0.67 -10.05 9.16
C LEU A 258 -1.02 -10.87 10.39
N GLY A 259 -0.12 -11.78 10.74
CA GLY A 259 -0.32 -12.62 11.93
C GLY A 259 0.67 -13.77 11.90
N GLU A 260 0.59 -14.62 12.92
CA GLU A 260 1.51 -15.74 13.07
C GLU A 260 0.91 -16.92 13.82
N ILE A 261 1.55 -18.07 13.64
CA ILE A 261 1.19 -19.27 14.35
C ILE A 261 2.41 -19.55 15.22
N PRO A 262 2.26 -19.41 16.55
CA PRO A 262 3.36 -19.62 17.47
C PRO A 262 3.79 -21.07 17.47
N VAL A 263 5.10 -21.27 17.55
CA VAL A 263 5.70 -22.58 17.48
C VAL A 263 6.32 -22.88 18.82
N LYS A 264 6.03 -24.07 19.35
CA LYS A 264 6.62 -24.54 20.60
C LYS A 264 6.87 -26.03 20.56
N GLY A 265 8.03 -26.45 21.03
CA GLY A 265 8.40 -27.86 21.06
C GLY A 265 8.81 -28.37 19.69
N ALA A 266 8.95 -29.69 19.58
CA ALA A 266 9.43 -30.32 18.34
C ALA A 266 8.76 -31.66 18.07
N ASN A 267 8.45 -31.92 16.80
CA ASN A 267 7.98 -33.21 16.34
C ASN A 267 9.19 -34.03 15.94
N THR A 268 9.32 -35.20 16.54
CA THR A 268 10.42 -36.11 16.22
C THR A 268 9.94 -37.29 15.37
N THR A 269 8.67 -37.66 15.55
CA THR A 269 8.11 -38.89 14.96
C THR A 269 7.82 -38.79 13.46
N ARG A 270 7.66 -37.57 12.95
CA ARG A 270 7.41 -37.38 11.53
C ARG A 270 8.72 -37.46 10.76
N GLN A 271 8.75 -38.38 9.79
CA GLN A 271 9.90 -38.56 8.92
C GLN A 271 9.68 -37.76 7.64
N PRO A 272 10.76 -37.23 7.04
CA PRO A 272 10.61 -36.36 5.85
C PRO A 272 9.92 -37.06 4.69
N SER A 273 9.20 -36.29 3.88
CA SER A 273 8.45 -36.82 2.75
C SER A 273 8.11 -35.73 1.75
N GLU A 274 7.81 -36.15 0.53
CA GLU A 274 7.29 -35.25 -0.49
C GLU A 274 5.97 -34.63 -0.01
N ILE A 275 5.77 -33.35 -0.32
CA ILE A 275 4.46 -32.76 -0.12
C ILE A 275 3.54 -33.36 -1.19
N PRO A 276 2.53 -34.13 -0.78
CA PRO A 276 1.71 -34.86 -1.76
C PRO A 276 0.77 -33.88 -2.48
N ALA A 277 0.25 -34.30 -3.63
CA ALA A 277 -0.80 -33.53 -4.30
C ALA A 277 -2.16 -33.95 -3.76
N LEU A 278 -3.12 -33.03 -3.80
CA LEU A 278 -4.51 -33.37 -3.41
C LEU A 278 -5.21 -34.19 -4.51
N PRO A 279 -6.08 -35.13 -4.10
CA PRO A 279 -6.89 -35.88 -5.08
C PRO A 279 -7.79 -34.93 -5.88
N PRO A 280 -7.94 -35.17 -7.19
CA PRO A 280 -8.62 -34.18 -8.02
C PRO A 280 -10.13 -34.18 -7.78
N ASN A 281 -10.76 -33.05 -8.08
CA ASN A 281 -12.22 -32.93 -8.13
C ASN A 281 -12.65 -33.16 -9.56
N GLU A 282 -13.91 -33.49 -9.81
CA GLU A 282 -14.35 -33.72 -11.19
C GLU A 282 -14.35 -32.41 -12.01
N VAL A 283 -13.45 -32.31 -12.98
CA VAL A 283 -13.44 -31.13 -13.85
C VAL A 283 -13.74 -31.48 -15.30
N THR A 284 -14.78 -30.85 -15.84
CA THR A 284 -15.22 -31.11 -17.21
C THR A 284 -14.42 -30.26 -18.17
N SER A 285 -13.64 -30.94 -19.01
CA SER A 285 -12.75 -30.30 -19.99
C SER A 285 -13.53 -29.43 -20.99
N PRO A 286 -13.09 -28.17 -21.17
CA PRO A 286 -13.78 -27.33 -22.13
C PRO A 286 -13.45 -27.83 -23.52
N ASP A 287 -14.33 -27.60 -24.49
CA ASP A 287 -13.98 -27.85 -25.87
C ASP A 287 -13.87 -26.52 -26.61
N MET A 288 -14.98 -26.01 -27.11
CA MET A 288 -15.00 -24.71 -27.79
C MET A 288 -16.37 -24.10 -27.56
N GLY A 289 -16.45 -22.77 -27.45
CA GLY A 289 -17.65 -22.13 -26.97
C GLY A 289 -18.07 -20.79 -27.53
N SER A 290 -19.26 -20.35 -27.13
CA SER A 290 -19.83 -19.09 -27.55
C SER A 290 -19.09 -17.96 -26.91
N ALA A 291 -18.33 -17.24 -27.73
CA ALA A 291 -17.61 -16.06 -27.31
C ALA A 291 -18.62 -15.03 -26.86
N VAL A 292 -18.41 -14.54 -25.64
CA VAL A 292 -19.22 -13.51 -25.02
C VAL A 292 -18.22 -12.48 -24.50
N SER A 293 -18.56 -11.21 -24.61
CA SER A 293 -17.70 -10.20 -24.03
C SER A 293 -18.48 -9.36 -23.02
N LEU A 294 -17.80 -9.01 -21.93
CA LEU A 294 -18.38 -8.21 -20.86
C LEU A 294 -17.40 -7.10 -20.41
N THR A 295 -17.81 -5.86 -20.57
CA THR A 295 -16.96 -4.75 -20.18
C THR A 295 -17.48 -4.11 -18.92
N LEU A 296 -16.53 -3.76 -18.05
CA LEU A 296 -16.83 -3.19 -16.76
C LEU A 296 -17.24 -1.72 -16.91
N THR A 297 -18.29 -1.37 -16.17
CA THR A 297 -18.96 -0.07 -16.26
C THR A 297 -18.21 1.08 -15.59
N GLY A 324 -31.96 -5.60 -7.14
CA GLY A 324 -31.72 -4.94 -8.41
C GLY A 324 -30.85 -5.73 -9.37
N LEU A 325 -31.49 -6.49 -10.27
CA LEU A 325 -30.82 -7.29 -11.30
C LEU A 325 -31.26 -6.86 -12.70
N THR A 326 -30.46 -7.21 -13.71
CA THR A 326 -30.86 -6.97 -15.11
C THR A 326 -32.04 -7.85 -15.48
N ASP A 327 -32.94 -7.31 -16.30
CA ASP A 327 -34.18 -7.98 -16.68
C ASP A 327 -33.96 -9.21 -17.57
N THR A 328 -32.92 -9.17 -18.41
CA THR A 328 -32.54 -10.30 -19.24
C THR A 328 -31.10 -10.70 -18.91
N PRO A 329 -30.72 -11.97 -19.19
CA PRO A 329 -29.38 -12.41 -18.82
C PRO A 329 -28.33 -11.94 -19.81
N LEU A 330 -27.06 -12.08 -19.43
CA LEU A 330 -25.94 -11.86 -20.34
C LEU A 330 -26.08 -12.80 -21.51
N HIS A 331 -26.29 -14.07 -21.19
CA HIS A 331 -26.59 -15.09 -22.17
C HIS A 331 -27.49 -16.17 -21.55
N SER A 332 -28.19 -16.91 -22.40
CA SER A 332 -29.01 -18.02 -21.97
C SER A 332 -28.56 -19.32 -22.63
N PHE A 333 -27.75 -20.10 -21.92
CA PHE A 333 -27.10 -21.31 -22.45
C PHE A 333 -27.95 -22.55 -22.36
N GLU A 334 -27.75 -23.47 -23.30
CA GLU A 334 -28.16 -24.86 -23.14
C GLU A 334 -27.16 -25.58 -22.24
N ARG A 335 -27.65 -26.53 -21.44
CA ARG A 335 -26.85 -27.16 -20.39
C ARG A 335 -25.66 -27.95 -20.93
N GLY A 336 -24.47 -27.66 -20.41
CA GLY A 336 -23.25 -28.35 -20.83
C GLY A 336 -22.39 -27.64 -21.86
N GLN A 337 -22.87 -26.50 -22.39
CA GLN A 337 -22.12 -25.71 -23.37
C GLN A 337 -20.86 -25.06 -22.77
N THR A 338 -19.88 -24.79 -23.62
CA THR A 338 -18.67 -24.09 -23.24
C THR A 338 -18.80 -22.61 -23.63
N ALA A 339 -18.18 -21.74 -22.85
CA ALA A 339 -18.20 -20.31 -23.11
C ALA A 339 -16.83 -19.72 -22.91
N ARG A 340 -16.48 -18.75 -23.76
CA ARG A 340 -15.34 -17.88 -23.50
C ARG A 340 -15.89 -16.50 -23.20
N ILE A 341 -15.67 -16.02 -21.99
CA ILE A 341 -16.10 -14.68 -21.64
C ILE A 341 -14.89 -13.76 -21.61
N ARG A 342 -14.95 -12.70 -22.42
CA ARG A 342 -13.96 -11.65 -22.41
C ARG A 342 -14.42 -10.61 -21.41
N LEU A 343 -13.57 -10.33 -20.43
CA LEU A 343 -13.86 -9.36 -19.38
C LEU A 343 -13.02 -8.10 -19.61
N VAL A 344 -13.68 -7.01 -19.98
CA VAL A 344 -12.98 -5.78 -20.35
C VAL A 344 -13.09 -4.78 -19.20
N ASN A 345 -11.97 -4.49 -18.55
CA ASN A 345 -11.92 -3.45 -17.52
C ASN A 345 -11.31 -2.16 -18.06
N ASP A 346 -12.14 -1.25 -18.56
CA ASP A 346 -11.66 0.05 -19.00
C ASP A 346 -11.87 1.18 -17.98
N THR A 347 -11.87 0.84 -16.69
CA THR A 347 -11.90 1.79 -15.57
C THR A 347 -10.49 1.91 -14.99
N ARG A 348 -10.30 2.86 -14.06
CA ARG A 348 -9.04 3.00 -13.28
C ARG A 348 -8.89 2.08 -12.06
N PHE A 349 -9.91 1.28 -11.78
CA PHE A 349 -9.92 0.41 -10.62
C PHE A 349 -10.07 -1.07 -10.98
N PRO A 350 -9.28 -1.93 -10.33
CA PRO A 350 -9.41 -3.39 -10.50
C PRO A 350 -10.79 -3.86 -10.04
N HIS A 351 -11.34 -4.86 -10.72
CA HIS A 351 -12.62 -5.42 -10.37
C HIS A 351 -12.45 -6.86 -10.00
N GLY A 352 -13.12 -7.28 -8.92
CA GLY A 352 -13.20 -8.68 -8.54
C GLY A 352 -14.38 -9.31 -9.27
N ILE A 353 -14.19 -10.47 -9.83
CA ILE A 353 -15.26 -11.10 -10.64
C ILE A 353 -15.58 -12.47 -10.10
N HIS A 354 -16.83 -12.69 -9.71
CA HIS A 354 -17.23 -13.99 -9.17
C HIS A 354 -18.44 -14.61 -9.92
N LEU A 355 -18.27 -15.83 -10.43
CA LEU A 355 -19.32 -16.51 -11.19
C LEU A 355 -19.95 -17.59 -10.34
N HIS A 356 -21.28 -17.51 -10.20
CA HIS A 356 -21.99 -18.38 -9.27
C HIS A 356 -22.22 -19.78 -9.90
N GLY A 357 -22.11 -20.80 -9.07
CA GLY A 357 -22.51 -22.15 -9.41
C GLY A 357 -21.55 -22.92 -10.31
N HIS A 358 -20.46 -22.30 -10.71
CA HIS A 358 -19.48 -22.84 -11.64
C HIS A 358 -18.10 -22.38 -11.23
N HIS A 359 -17.11 -23.22 -11.55
CA HIS A 359 -15.71 -22.79 -11.62
C HIS A 359 -15.35 -22.56 -13.09
N PHE A 360 -14.28 -21.81 -13.33
CA PHE A 360 -13.87 -21.47 -14.69
C PHE A 360 -12.36 -21.39 -14.77
N PHE A 361 -11.82 -21.55 -15.98
CA PHE A 361 -10.39 -21.35 -16.24
C PHE A 361 -10.02 -19.89 -16.59
N GLU A 362 -8.99 -19.35 -15.95
CA GLU A 362 -8.37 -18.15 -16.48
C GLU A 362 -7.50 -18.56 -17.69
N VAL A 363 -7.41 -17.68 -18.68
CA VAL A 363 -6.66 -17.95 -19.91
C VAL A 363 -5.37 -17.16 -19.88
N GLY A 364 -4.24 -17.85 -20.00
CA GLY A 364 -2.93 -17.22 -19.92
C GLY A 364 -2.56 -16.34 -21.10
N ALA A 365 -1.42 -15.65 -20.95
CA ALA A 365 -0.86 -14.75 -21.96
C ALA A 365 -0.61 -15.44 -23.31
N ASP A 366 -0.62 -16.77 -23.32
CA ASP A 366 -0.36 -17.57 -24.50
C ASP A 366 -1.61 -18.22 -25.16
N GLY A 367 -2.78 -17.99 -24.59
CA GLY A 367 -4.04 -18.42 -25.22
C GLY A 367 -4.69 -19.69 -24.69
N ASN A 368 -3.98 -20.39 -23.81
CA ASN A 368 -4.52 -21.60 -23.22
C ASN A 368 -4.77 -21.56 -21.69
N LEU A 369 -5.36 -22.65 -21.21
CA LEU A 369 -5.88 -22.78 -19.86
C LEU A 369 -4.84 -22.63 -18.74
N GLY A 370 -5.14 -21.78 -17.76
CA GLY A 370 -4.32 -21.64 -16.55
C GLY A 370 -5.11 -22.07 -15.32
N ALA A 371 -5.14 -21.21 -14.31
CA ALA A 371 -5.82 -21.50 -13.05
C ALA A 371 -7.31 -21.68 -13.25
N LEU A 372 -7.82 -22.70 -12.58
CA LEU A 372 -9.23 -22.96 -12.50
C LEU A 372 -9.63 -22.36 -11.16
N ARG A 373 -10.58 -21.43 -11.23
CA ARG A 373 -10.92 -20.53 -10.14
C ARG A 373 -12.44 -20.45 -10.04
N ASP A 374 -12.95 -19.87 -8.96
CA ASP A 374 -14.34 -19.46 -8.97
C ASP A 374 -14.45 -17.93 -8.84
N THR A 375 -13.30 -17.27 -8.62
CA THR A 375 -13.24 -15.84 -8.42
C THR A 375 -11.96 -15.37 -9.08
N THR A 376 -12.06 -14.31 -9.88
CA THR A 376 -10.89 -13.80 -10.53
C THR A 376 -10.74 -12.29 -10.36
N LEU A 377 -9.65 -11.74 -10.87
CA LEU A 377 -9.38 -10.32 -10.69
C LEU A 377 -8.92 -9.75 -12.00
N VAL A 378 -9.57 -8.68 -12.44
CA VAL A 378 -9.15 -8.01 -13.67
C VAL A 378 -8.70 -6.60 -13.35
N ASP A 379 -7.40 -6.39 -13.46
CA ASP A 379 -6.85 -5.10 -13.16
C ASP A 379 -7.33 -4.01 -14.11
N ALA A 380 -7.18 -2.77 -13.66
CA ALA A 380 -7.60 -1.58 -14.37
C ALA A 380 -6.96 -1.51 -15.75
N GLY A 381 -7.76 -1.17 -16.76
CA GLY A 381 -7.26 -1.10 -18.14
C GLY A 381 -6.84 -2.43 -18.73
N GLU A 382 -7.24 -3.54 -18.11
CA GLU A 382 -6.84 -4.85 -18.61
C GLU A 382 -8.01 -5.68 -19.10
N THR A 383 -7.71 -6.65 -19.96
CA THR A 383 -8.69 -7.61 -20.45
C THR A 383 -8.24 -8.99 -20.04
N ARG A 384 -9.15 -9.79 -19.51
CA ARG A 384 -8.87 -11.19 -19.17
C ARG A 384 -9.97 -12.07 -19.78
N ASP A 385 -9.58 -13.21 -20.36
CA ASP A 385 -10.57 -14.15 -20.84
C ASP A 385 -10.72 -15.24 -19.83
N ILE A 386 -11.96 -15.71 -19.68
CA ILE A 386 -12.21 -16.91 -18.90
C ILE A 386 -12.94 -17.94 -19.76
N VAL A 387 -12.83 -19.21 -19.38
CA VAL A 387 -13.50 -20.27 -20.10
C VAL A 387 -14.28 -21.14 -19.13
N CYS A 388 -15.58 -21.21 -19.35
CA CYS A 388 -16.47 -21.93 -18.46
C CYS A 388 -17.36 -22.95 -19.18
N VAL A 389 -17.55 -24.10 -18.58
CA VAL A 389 -18.52 -25.05 -19.07
C VAL A 389 -19.75 -24.93 -18.20
N PHE A 390 -20.78 -24.26 -18.74
CA PHE A 390 -22.06 -24.19 -18.08
C PHE A 390 -22.87 -25.49 -17.98
N ASP A 391 -22.51 -26.32 -16.98
CA ASP A 391 -23.12 -27.64 -16.72
C ASP A 391 -24.15 -27.63 -15.57
N ASN A 392 -24.09 -26.60 -14.70
CA ASN A 392 -25.03 -26.44 -13.54
C ASN A 392 -26.27 -25.62 -13.89
N PRO A 393 -27.45 -26.25 -13.83
CA PRO A 393 -28.64 -25.55 -14.31
C PRO A 393 -29.17 -24.49 -13.39
N GLY A 394 -29.63 -23.40 -14.00
CA GLY A 394 -30.42 -22.41 -13.33
C GLY A 394 -29.94 -21.03 -13.69
N ASN A 395 -30.20 -20.08 -12.79
CA ASN A 395 -29.93 -18.65 -12.98
C ASN A 395 -28.84 -18.20 -12.00
N TRP A 396 -27.71 -17.77 -12.59
CA TRP A 396 -26.45 -17.62 -11.89
C TRP A 396 -25.82 -16.24 -12.03
N LEU A 397 -25.84 -15.50 -10.93
CA LEU A 397 -25.14 -14.23 -10.82
C LEU A 397 -23.71 -14.30 -11.33
N LEU A 398 -23.36 -13.34 -12.17
CA LEU A 398 -21.97 -13.02 -12.45
C LEU A 398 -21.72 -11.65 -11.79
N HIS A 399 -20.88 -11.67 -10.77
CA HIS A 399 -20.77 -10.51 -9.90
C HIS A 399 -19.45 -9.84 -10.16
N CYS A 400 -19.48 -8.59 -10.64
CA CYS A 400 -18.28 -7.81 -10.85
C CYS A 400 -18.24 -6.67 -9.84
N HIS A 401 -17.27 -6.70 -8.96
CA HIS A 401 -17.17 -5.66 -7.92
C HIS A 401 -15.96 -4.78 -8.16
N MET A 402 -16.22 -3.48 -8.31
CA MET A 402 -15.16 -2.50 -8.33
C MET A 402 -14.57 -2.29 -6.92
N LEU A 403 -13.29 -2.61 -6.78
CA LEU A 403 -12.60 -2.51 -5.52
C LEU A 403 -12.61 -1.07 -4.99
N GLY A 404 -13.03 -0.91 -3.74
CA GLY A 404 -12.98 0.38 -3.08
C GLY A 404 -14.24 1.16 -3.34
N HIS A 405 -15.19 0.53 -4.00
CA HIS A 405 -16.38 1.23 -4.40
C HIS A 405 -17.64 0.55 -3.91
N GLN A 406 -18.60 1.37 -3.54
CA GLN A 406 -19.87 0.89 -3.05
C GLN A 406 -20.74 0.50 -4.22
N ALA A 407 -20.85 -0.80 -4.42
CA ALA A 407 -21.67 -1.36 -5.49
C ALA A 407 -23.03 -1.67 -4.93
N ALA A 408 -23.86 -2.34 -5.74
CA ALA A 408 -25.21 -2.70 -5.33
C ALA A 408 -25.65 -3.92 -6.12
N LYS A 411 -25.67 -5.39 -12.09
CA LYS A 411 -25.95 -6.75 -11.59
C LYS A 411 -26.37 -7.71 -12.72
N THR A 412 -25.37 -8.34 -13.34
CA THR A 412 -25.55 -9.28 -14.46
C THR A 412 -25.73 -10.77 -14.06
N TRP A 413 -26.37 -11.53 -14.94
CA TRP A 413 -26.53 -12.95 -14.69
C TRP A 413 -26.54 -13.81 -15.93
N VAL A 414 -26.45 -15.12 -15.72
CA VAL A 414 -26.46 -16.10 -16.78
C VAL A 414 -27.54 -17.19 -16.54
N GLU A 415 -28.39 -17.36 -17.56
CA GLU A 415 -29.44 -18.39 -17.58
C GLU A 415 -28.83 -19.69 -18.10
N VAL A 416 -29.13 -20.81 -17.45
CA VAL A 416 -28.62 -22.12 -17.85
C VAL A 416 -29.73 -23.19 -17.82
N ALA B 2 14.87 39.42 5.43
CA ALA B 2 16.14 39.81 6.13
C ALA B 2 15.92 40.93 7.17
N PRO B 3 15.65 40.57 8.44
CA PRO B 3 15.50 39.18 8.93
C PRO B 3 14.05 38.71 8.93
N VAL B 4 13.75 37.70 8.11
CA VAL B 4 12.44 37.04 8.17
C VAL B 4 12.32 36.34 9.51
N GLU B 5 11.16 36.46 10.15
CA GLU B 5 10.94 35.85 11.45
C GLU B 5 10.24 34.52 11.27
N LEU B 6 10.71 33.50 11.97
CA LEU B 6 10.21 32.13 11.82
C LEU B 6 9.87 31.53 13.18
N VAL B 7 8.59 31.58 13.53
CA VAL B 7 8.16 31.16 14.88
C VAL B 7 7.54 29.76 14.89
N ALA B 8 8.29 28.81 15.44
CA ALA B 8 7.76 27.47 15.69
C ALA B 8 6.83 27.61 16.87
N GLN B 9 5.60 27.11 16.71
CA GLN B 9 4.54 27.36 17.70
C GLN B 9 3.32 26.45 17.50
N PRO B 10 2.42 26.38 18.49
CA PRO B 10 1.19 25.61 18.30
C PRO B 10 0.35 26.20 17.19
N VAL B 11 -0.17 25.37 16.31
CA VAL B 11 -1.09 25.88 15.28
C VAL B 11 -2.30 24.98 15.12
N ASN B 12 -3.28 25.46 14.36
CA ASN B 12 -4.42 24.70 13.92
C ASN B 12 -4.30 24.41 12.44
N ALA B 13 -4.29 23.14 12.08
CA ALA B 13 -4.13 22.80 10.68
C ALA B 13 -5.43 22.21 10.20
N GLN B 14 -5.74 22.46 8.93
CA GLN B 14 -6.79 21.74 8.25
C GLN B 14 -6.17 20.65 7.36
N ILE B 15 -6.11 19.44 7.92
CA ILE B 15 -5.56 18.29 7.22
C ILE B 15 -6.67 17.59 6.47
N LEU B 16 -7.72 17.25 7.19
CA LEU B 16 -8.86 16.64 6.59
C LEU B 16 -9.57 17.66 5.68
N PRO B 17 -10.41 17.17 4.76
CA PRO B 17 -11.13 18.06 3.84
C PRO B 17 -11.88 19.15 4.61
N GLU B 18 -12.05 20.31 3.97
CA GLU B 18 -12.80 21.41 4.57
C GLU B 18 -14.21 20.98 4.94
N GLY B 19 -14.71 21.55 6.04
CA GLY B 19 -15.98 21.10 6.64
C GLY B 19 -15.76 19.95 7.63
N GLU B 20 -14.59 19.34 7.62
CA GLU B 20 -14.22 18.31 8.58
C GLU B 20 -13.31 18.91 9.67
N PRO B 21 -13.10 18.17 10.79
CA PRO B 21 -12.45 18.79 11.94
C PRO B 21 -10.97 19.17 11.70
N ALA B 22 -10.56 20.27 12.28
CA ALA B 22 -9.19 20.74 12.21
C ALA B 22 -8.31 19.88 13.13
N THR B 23 -7.01 19.97 12.94
CA THR B 23 -6.05 19.27 13.78
C THR B 23 -5.05 20.23 14.47
N PRO B 24 -4.96 20.17 15.82
CA PRO B 24 -3.91 20.89 16.55
C PRO B 24 -2.56 20.22 16.39
N MET B 25 -1.55 21.01 16.06
CA MET B 25 -0.17 20.51 15.93
C MET B 25 0.85 21.66 15.98
N LEU B 26 2.11 21.35 15.70
CA LEU B 26 3.17 22.36 15.73
C LEU B 26 3.46 22.78 14.30
N GLY B 27 3.68 24.08 14.10
CA GLY B 27 3.98 24.62 12.78
C GLY B 27 4.80 25.91 12.90
N PHE B 28 4.82 26.67 11.80
CA PHE B 28 5.58 27.90 11.73
C PHE B 28 4.67 29.05 11.30
N ASN B 29 4.79 30.19 11.97
CA ASN B 29 4.06 31.40 11.59
C ASN B 29 2.54 31.16 11.41
N GLY B 30 1.90 30.55 12.41
CA GLY B 30 0.44 30.34 12.40
C GLY B 30 -0.12 29.26 11.47
N GLY B 31 0.77 28.50 10.84
CA GLY B 31 0.35 27.42 9.96
C GLY B 31 1.33 26.28 9.78
N THR B 32 0.87 25.25 9.08
CA THR B 32 1.73 24.22 8.51
C THR B 32 1.18 23.84 7.14
N PRO B 33 2.05 23.59 6.16
CA PRO B 33 3.49 23.85 6.17
C PRO B 33 3.80 25.28 6.56
N GLY B 34 5.05 25.50 6.95
CA GLY B 34 5.55 26.84 7.18
C GLY B 34 5.67 27.60 5.89
N PRO B 35 6.01 28.89 5.98
CA PRO B 35 6.09 29.79 4.84
C PRO B 35 7.13 29.34 3.84
N VAL B 36 6.93 29.72 2.57
CA VAL B 36 7.93 29.53 1.54
C VAL B 36 9.07 30.53 1.76
N LEU B 37 10.26 30.00 2.00
CA LEU B 37 11.45 30.82 2.07
C LEU B 37 12.15 30.90 0.71
N ARG B 38 12.33 32.13 0.22
CA ARG B 38 12.84 32.40 -1.11
C ARG B 38 14.04 33.30 -1.02
N ALA B 39 15.07 32.99 -1.81
CA ALA B 39 16.15 33.96 -2.09
C ALA B 39 16.71 33.61 -3.45
N ARG B 40 17.49 34.51 -4.03
CA ARG B 40 18.10 34.25 -5.31
C ARG B 40 19.42 33.51 -5.05
N GLN B 41 19.84 32.66 -5.99
CA GLN B 41 21.13 31.97 -5.87
C GLN B 41 22.24 32.96 -5.51
N GLY B 42 22.97 32.67 -4.43
CA GLY B 42 24.14 33.46 -4.05
C GLY B 42 23.81 34.60 -3.12
N GLU B 43 22.59 34.60 -2.57
CA GLU B 43 22.17 35.64 -1.65
C GLU B 43 22.12 35.05 -0.24
N VAL B 44 22.02 35.92 0.76
CA VAL B 44 21.96 35.51 2.17
C VAL B 44 20.52 35.35 2.63
N PHE B 45 20.29 34.32 3.45
CA PHE B 45 19.08 34.18 4.25
C PHE B 45 19.36 34.65 5.68
N ASP B 46 18.71 35.72 6.12
CA ASP B 46 18.67 36.05 7.53
C ASP B 46 17.32 35.55 8.09
N ILE B 47 17.36 34.48 8.85
CA ILE B 47 16.14 33.89 9.43
C ILE B 47 16.24 33.87 10.96
N ARG B 48 15.30 34.52 11.62
CA ARG B 48 15.25 34.56 13.08
C ARG B 48 14.35 33.45 13.66
N PHE B 49 14.95 32.33 14.03
CA PHE B 49 14.21 31.20 14.61
C PHE B 49 13.79 31.43 16.06
N GLN B 50 12.47 31.41 16.31
CA GLN B 50 11.95 31.63 17.66
C GLN B 50 11.23 30.37 18.13
N ASN B 51 11.72 29.81 19.24
CA ASN B 51 11.22 28.53 19.76
C ASN B 51 10.11 28.78 20.76
N GLN B 52 8.87 28.68 20.27
CA GLN B 52 7.69 28.87 21.10
C GLN B 52 6.92 27.56 21.28
N ILE B 53 7.59 26.41 21.15
CA ILE B 53 6.90 25.10 21.20
C ILE B 53 6.96 24.31 22.51
N GLY B 54 7.77 24.76 23.47
CA GLY B 54 7.80 24.13 24.80
C GLY B 54 8.93 23.15 25.07
N GLU B 55 9.73 22.84 24.04
CA GLU B 55 10.89 21.97 24.19
C GLU B 55 12.03 22.37 23.25
N GLY B 56 13.23 21.89 23.55
CA GLY B 56 14.42 22.14 22.72
C GLY B 56 14.23 21.82 21.24
N SER B 57 14.62 22.76 20.40
CA SER B 57 14.49 22.57 18.97
C SER B 57 15.69 23.13 18.22
N ALA B 58 15.71 22.91 16.91
CA ALA B 58 16.61 23.57 15.98
C ALA B 58 16.06 23.25 14.60
N VAL B 59 16.50 23.98 13.58
CA VAL B 59 15.98 23.83 12.24
C VAL B 59 17.11 23.43 11.31
N HIS B 60 16.88 22.37 10.53
CA HIS B 60 17.82 21.92 9.50
C HIS B 60 17.34 22.36 8.11
N TRP B 61 18.27 22.93 7.36
CA TRP B 61 18.05 23.38 6.03
C TRP B 61 18.56 22.22 5.16
N HIS B 62 17.59 21.47 4.63
CA HIS B 62 17.81 20.17 4.03
C HIS B 62 18.31 20.24 2.61
N GLY B 63 19.58 19.87 2.40
CA GLY B 63 20.18 19.94 1.06
C GLY B 63 21.03 21.17 0.82
N LEU B 64 21.08 22.04 1.81
CA LEU B 64 21.88 23.25 1.72
C LEU B 64 23.36 22.97 1.95
N ARG B 65 24.18 23.19 0.92
CA ARG B 65 25.62 23.03 1.04
C ARG B 65 26.15 24.31 1.68
N ILE B 66 25.93 24.46 2.98
CA ILE B 66 26.14 25.76 3.63
C ILE B 66 27.13 25.72 4.77
N ASP B 67 27.40 26.90 5.34
CA ASP B 67 28.21 27.05 6.55
C ASP B 67 27.75 26.07 7.61
N ASN B 68 28.67 25.22 8.05
CA ASN B 68 28.41 24.16 9.03
C ASN B 68 27.71 24.62 10.29
N ALA B 69 28.04 25.84 10.72
CA ALA B 69 27.50 26.42 11.93
C ALA B 69 26.01 26.70 11.83
N MET B 70 25.46 26.64 10.62
CA MET B 70 24.02 26.87 10.40
C MET B 70 23.22 25.62 10.00
N ASP B 71 23.87 24.45 10.06
CA ASP B 71 23.28 23.18 9.60
C ASP B 71 22.13 22.69 10.51
N GLY B 72 22.11 23.15 11.75
CA GLY B 72 21.02 22.82 12.67
C GLY B 72 21.11 21.45 13.31
N VAL B 73 22.30 21.04 13.74
CA VAL B 73 22.47 19.76 14.44
C VAL B 73 22.91 19.99 15.89
N PRO B 74 21.94 20.01 16.81
CA PRO B 74 22.26 20.23 18.23
C PRO B 74 23.24 19.19 18.76
N GLY B 75 24.27 19.68 19.46
CA GLY B 75 25.35 18.84 19.93
C GLY B 75 26.44 18.65 18.89
N MET B 76 26.19 19.08 17.64
CA MET B 76 27.23 18.96 16.62
C MET B 76 27.57 20.23 15.85
N THR B 77 26.57 21.02 15.46
CA THR B 77 26.86 22.31 14.81
C THR B 77 26.48 23.49 15.70
N GLN B 78 25.71 23.21 16.74
CA GLN B 78 25.14 24.24 17.60
C GLN B 78 24.62 23.62 18.89
N ASP B 79 24.27 24.48 19.83
CA ASP B 79 23.56 24.05 21.03
C ASP B 79 22.10 23.95 20.64
N VAL B 80 21.30 23.31 21.47
CA VAL B 80 19.88 23.21 21.13
C VAL B 80 19.18 24.54 21.47
N VAL B 81 18.23 24.94 20.63
CA VAL B 81 17.46 26.14 20.92
C VAL B 81 16.44 25.73 21.94
N GLU B 82 16.54 26.28 23.13
CA GLU B 82 15.63 25.93 24.21
C GLU B 82 14.36 26.76 24.08
N ALA B 83 13.30 26.30 24.75
CA ALA B 83 11.99 26.97 24.73
C ALA B 83 12.09 28.45 25.12
N GLY B 84 11.39 29.30 24.37
CA GLY B 84 11.42 30.74 24.60
C GLY B 84 12.68 31.38 24.05
N GLY B 85 13.58 30.54 23.56
CA GLY B 85 14.86 30.99 23.06
C GLY B 85 14.78 31.32 21.58
N GLU B 86 15.94 31.59 21.01
CA GLU B 86 16.05 32.12 19.67
C GLU B 86 17.41 31.75 19.09
N PHE B 87 17.47 31.64 17.76
CA PHE B 87 18.71 31.37 17.05
C PHE B 87 18.72 32.15 15.74
N GLU B 88 19.84 32.78 15.45
CA GLU B 88 19.98 33.58 14.25
C GLU B 88 20.60 32.74 13.13
N TYR B 89 19.79 32.19 12.24
CA TYR B 89 20.30 31.41 11.12
C TYR B 89 20.65 32.31 9.93
N SER B 90 21.93 32.39 9.60
CA SER B 90 22.39 33.25 8.51
C SER B 90 23.31 32.49 7.57
N PHE B 91 22.92 32.34 6.31
CA PHE B 91 23.73 31.60 5.36
C PHE B 91 23.47 32.00 3.93
N ARG B 92 24.51 31.93 3.12
CA ARG B 92 24.41 32.14 1.69
C ARG B 92 24.13 30.79 1.01
N ALA B 93 23.08 30.71 0.20
CA ALA B 93 22.78 29.45 -0.49
C ALA B 93 23.41 29.40 -1.90
N PRO B 94 24.34 28.45 -2.13
CA PRO B 94 25.15 28.52 -3.36
C PRO B 94 24.51 27.86 -4.60
N ASP B 95 23.45 27.07 -4.41
CA ASP B 95 22.86 26.27 -5.49
C ASP B 95 21.41 26.63 -5.78
N ALA B 96 21.05 26.78 -7.06
CA ALA B 96 19.66 27.02 -7.43
C ALA B 96 18.85 25.73 -7.37
N GLY B 97 17.73 25.72 -6.66
CA GLY B 97 16.89 24.55 -6.67
C GLY B 97 15.80 24.55 -5.62
N THR B 98 15.21 23.38 -5.48
CA THR B 98 14.17 23.11 -4.48
C THR B 98 14.75 22.44 -3.26
N PHE B 99 14.66 23.15 -2.15
CA PHE B 99 15.08 22.60 -0.87
C PHE B 99 13.91 22.71 0.11
N TRP B 100 14.12 22.28 1.35
CA TRP B 100 13.12 22.48 2.36
C TRP B 100 13.76 22.54 3.73
N TYR B 101 12.98 22.92 4.73
CA TYR B 101 13.45 23.08 6.09
C TYR B 101 12.53 22.36 7.06
N HIS B 102 13.09 21.87 8.15
CA HIS B 102 12.30 21.12 9.11
C HIS B 102 13.11 21.07 10.39
N SER B 103 12.42 20.91 11.52
CA SER B 103 13.08 20.75 12.79
C SER B 103 14.03 19.54 12.68
N HIS B 104 15.09 19.53 13.50
CA HIS B 104 16.18 18.55 13.38
C HIS B 104 15.73 17.15 13.76
N ASN B 105 14.74 17.06 14.62
CA ASN B 105 14.25 15.81 15.14
C ASN B 105 12.91 15.38 14.52
N ARG B 106 12.56 15.92 13.36
CA ARG B 106 11.25 15.63 12.78
C ARG B 106 11.14 14.15 12.38
N SER B 107 12.26 13.59 11.97
CA SER B 107 12.27 12.22 11.49
C SER B 107 12.00 11.20 12.60
N TRP B 108 12.11 11.62 13.86
CA TRP B 108 11.88 10.69 14.97
C TRP B 108 11.00 11.21 16.11
N GLU B 109 10.40 12.38 15.94
CA GLU B 109 9.59 12.95 17.02
C GLU B 109 8.21 13.42 16.54
N GLN B 110 7.16 12.63 16.82
CA GLN B 110 5.80 12.93 16.35
C GLN B 110 5.34 14.37 16.64
N VAL B 111 5.70 14.91 17.80
CA VAL B 111 5.28 16.28 18.11
C VAL B 111 5.70 17.23 17.00
N ALA B 112 6.80 16.90 16.30
CA ALA B 112 7.37 17.82 15.32
C ALA B 112 6.85 17.62 13.89
N LYS B 113 5.71 16.95 13.74
CA LYS B 113 5.20 16.62 12.40
C LYS B 113 4.97 17.84 11.50
N GLY B 114 4.43 18.91 12.08
CA GLY B 114 4.11 20.10 11.32
C GLY B 114 5.28 21.04 11.09
N LEU B 115 6.44 20.71 11.65
CA LEU B 115 7.55 21.65 11.63
C LEU B 115 8.36 21.45 10.36
N TYR B 116 7.86 22.00 9.27
CA TYR B 116 8.59 22.02 8.03
C TYR B 116 7.97 23.05 7.11
N GLY B 117 8.73 23.42 6.10
CA GLY B 117 8.24 24.25 5.02
C GLY B 117 9.22 24.12 3.88
N PRO B 118 8.90 24.70 2.72
CA PRO B 118 9.76 24.76 1.54
C PRO B 118 10.77 25.90 1.52
N LEU B 119 11.91 25.63 0.91
CA LEU B 119 12.93 26.65 0.71
C LEU B 119 13.37 26.60 -0.74
N ILE B 120 13.23 27.75 -1.41
CA ILE B 120 13.45 27.82 -2.85
C ILE B 120 14.63 28.72 -3.14
N VAL B 121 15.66 28.19 -3.79
CA VAL B 121 16.75 29.03 -4.28
C VAL B 121 16.57 29.23 -5.77
N GLU B 122 16.31 30.48 -6.17
CA GLU B 122 15.94 30.81 -7.56
C GLU B 122 17.17 30.98 -8.43
N GLU B 123 17.06 30.53 -9.68
CA GLU B 123 18.09 30.75 -10.70
C GLU B 123 18.22 32.25 -11.01
N PRO B 124 19.43 32.71 -11.47
CA PRO B 124 19.55 34.11 -11.89
C PRO B 124 18.67 34.41 -13.10
N THR B 125 18.66 33.52 -14.09
CA THR B 125 17.65 33.59 -15.16
C THR B 125 16.75 32.34 -15.11
N PRO B 126 15.52 32.50 -14.63
CA PRO B 126 14.63 31.34 -14.43
C PRO B 126 14.20 30.69 -15.75
N PRO B 127 13.77 29.41 -15.73
CA PRO B 127 13.36 28.80 -16.99
C PRO B 127 12.04 29.39 -17.50
N ASP B 128 11.84 29.26 -18.81
CA ASP B 128 10.64 29.72 -19.46
C ASP B 128 9.46 28.82 -19.08
N VAL B 129 8.78 29.22 -18.00
CA VAL B 129 7.59 28.53 -17.51
C VAL B 129 6.56 29.61 -17.16
N ASP B 130 5.31 29.19 -16.95
CA ASP B 130 4.19 30.11 -16.77
C ASP B 130 3.70 30.15 -15.33
N HIS B 131 3.83 29.00 -14.68
CA HIS B 131 3.50 28.85 -13.27
C HIS B 131 4.56 27.95 -12.65
N ASP B 132 4.98 28.31 -11.42
CA ASP B 132 6.00 27.61 -10.69
C ASP B 132 5.38 27.17 -9.36
N LEU B 133 5.17 25.86 -9.20
CA LEU B 133 4.39 25.36 -8.08
C LEU B 133 5.18 24.38 -7.19
N ILE B 134 4.88 24.38 -5.91
CA ILE B 134 5.58 23.49 -4.97
C ILE B 134 4.53 22.52 -4.53
N ILE B 135 4.92 21.24 -4.47
CA ILE B 135 3.98 20.17 -4.20
C ILE B 135 4.59 19.35 -3.11
N MET B 136 4.07 19.56 -1.90
CA MET B 136 4.55 18.84 -0.74
C MET B 136 3.65 17.66 -0.44
N ILE B 137 4.23 16.46 -0.52
CA ILE B 137 3.46 15.23 -0.28
C ILE B 137 3.74 14.70 1.10
N ASP B 138 2.67 14.65 1.93
CA ASP B 138 2.79 14.22 3.32
C ASP B 138 1.76 13.12 3.55
N ASP B 139 1.95 12.30 4.59
CA ASP B 139 0.86 11.43 5.08
C ASP B 139 0.69 11.56 6.59
N TRP B 140 -0.42 11.02 7.08
CA TRP B 140 -0.75 11.14 8.49
C TRP B 140 -1.58 9.96 8.97
N ARG B 141 -1.40 9.63 10.23
CA ARG B 141 -2.30 8.68 10.86
C ARG B 141 -3.28 9.52 11.70
N ILE B 142 -4.45 9.83 11.14
CA ILE B 142 -5.41 10.73 11.77
C ILE B 142 -6.74 10.04 11.88
N THR B 143 -7.43 10.31 12.98
CA THR B 143 -8.80 9.86 13.20
C THR B 143 -9.81 10.79 12.49
N GLU B 144 -11.04 10.27 12.34
CA GLU B 144 -12.14 11.08 11.79
C GLU B 144 -12.43 12.34 12.63
N ASN B 145 -11.96 12.39 13.88
CA ASN B 145 -12.14 13.58 14.72
C ASN B 145 -10.98 14.61 14.55
N GLY B 146 -10.12 14.32 13.59
CA GLY B 146 -8.96 15.16 13.25
C GLY B 146 -7.73 14.93 14.12
N VAL B 147 -7.79 13.91 14.99
CA VAL B 147 -6.78 13.70 16.01
C VAL B 147 -5.61 12.89 15.44
N LEU B 148 -4.39 13.40 15.58
CA LEU B 148 -3.19 12.66 15.18
C LEU B 148 -2.86 11.52 16.12
N ALA B 149 -3.13 10.30 15.64
CA ALA B 149 -2.96 9.07 16.41
C ALA B 149 -1.84 8.21 15.82
N LEU B 164 1.78 2.70 8.91
CA LEU B 164 2.01 4.03 8.36
C LEU B 164 0.74 4.85 8.50
N GLY B 165 0.69 5.99 7.83
CA GLY B 165 -0.49 6.82 7.76
C GLY B 165 -1.66 6.20 7.01
N ASN B 166 -2.84 6.67 7.31
CA ASN B 166 -4.02 6.17 6.62
C ASN B 166 -4.53 7.20 5.62
N PHE B 167 -3.78 8.29 5.48
CA PHE B 167 -4.23 9.45 4.78
C PHE B 167 -2.99 10.20 4.25
N ALA B 168 -3.00 10.52 2.96
CA ALA B 168 -1.84 11.17 2.33
C ALA B 168 -2.38 12.25 1.38
N ARG B 169 -1.65 13.36 1.26
CA ARG B 169 -2.08 14.52 0.49
C ARG B 169 -0.89 15.17 -0.16
N ALA B 170 -1.08 15.65 -1.38
CA ALA B 170 -0.15 16.56 -2.05
C ALA B 170 -0.64 17.96 -1.75
N LEU B 171 0.16 18.72 -1.00
CA LEU B 171 -0.18 20.10 -0.60
C LEU B 171 0.47 21.04 -1.58
N VAL B 172 -0.36 21.83 -2.25
CA VAL B 172 0.09 22.64 -3.37
C VAL B 172 0.21 24.10 -2.96
N GLU B 173 1.41 24.65 -3.13
CA GLU B 173 1.65 26.06 -2.86
C GLU B 173 2.21 26.74 -4.11
N PRO B 174 1.50 27.77 -4.63
CA PRO B 174 0.22 28.28 -4.15
C PRO B 174 -0.94 27.56 -4.82
N VAL B 175 -2.14 27.78 -4.31
CA VAL B 175 -3.34 27.25 -4.95
C VAL B 175 -3.84 28.29 -5.94
N THR B 176 -3.82 27.90 -7.21
CA THR B 176 -4.06 28.79 -8.33
C THR B 176 -4.24 27.92 -9.58
N PRO B 177 -5.24 28.25 -10.44
CA PRO B 177 -5.47 27.47 -11.63
C PRO B 177 -4.37 27.63 -12.67
N VAL B 178 -4.47 26.80 -13.70
CA VAL B 178 -3.50 26.72 -14.76
C VAL B 178 -4.32 26.67 -16.07
N ARG B 179 -3.71 27.06 -17.19
CA ARG B 179 -4.41 27.05 -18.48
C ARG B 179 -3.90 25.89 -19.34
N ARG B 180 -4.79 25.28 -20.10
CA ARG B 180 -4.45 24.19 -21.03
C ARG B 180 -3.22 24.47 -21.96
N GLY B 181 -2.77 25.71 -22.00
CA GLY B 181 -1.57 26.01 -22.79
C GLY B 181 -0.27 25.91 -22.02
N ASP B 182 -0.37 25.99 -20.69
CA ASP B 182 0.77 26.33 -19.86
C ASP B 182 1.92 25.33 -19.78
N ARG B 183 3.12 25.88 -19.83
CA ARG B 183 4.30 25.25 -19.28
C ARG B 183 4.32 25.53 -17.77
N VAL B 184 4.40 24.45 -16.99
CA VAL B 184 4.46 24.57 -15.53
C VAL B 184 5.73 23.92 -15.03
N ARG B 185 6.26 24.45 -13.92
CA ARG B 185 7.32 23.80 -13.15
C ARG B 185 6.68 23.26 -11.88
N LEU B 186 6.82 21.97 -11.67
CA LEU B 186 6.25 21.33 -10.49
C LEU B 186 7.38 20.91 -9.58
N ARG B 187 7.46 21.54 -8.40
CA ARG B 187 8.55 21.22 -7.43
C ARG B 187 8.03 20.22 -6.39
N LEU B 188 8.37 18.95 -6.59
CA LEU B 188 7.85 17.83 -5.77
C LEU B 188 8.76 17.61 -4.57
N ILE B 189 8.15 17.54 -3.37
CA ILE B 189 8.88 17.26 -2.15
C ILE B 189 8.16 16.17 -1.35
N ASN B 190 8.81 15.03 -1.14
CA ASN B 190 8.22 14.07 -0.20
C ASN B 190 8.57 14.52 1.21
N VAL B 191 7.58 15.09 1.90
CA VAL B 191 7.80 15.54 3.28
C VAL B 191 7.35 14.52 4.34
N ALA B 192 6.81 13.36 3.93
CA ALA B 192 6.49 12.28 4.88
C ALA B 192 7.75 11.74 5.53
N THR B 193 7.68 11.31 6.79
CA THR B 193 8.89 10.81 7.46
C THR B 193 9.17 9.32 7.09
N ASP B 194 8.11 8.59 6.77
CA ASP B 194 8.23 7.14 6.76
C ASP B 194 7.67 6.47 5.54
N ARG B 195 7.20 7.24 4.58
CA ARG B 195 6.53 6.63 3.44
C ARG B 195 7.23 6.98 2.14
N ILE B 196 7.48 5.94 1.34
CA ILE B 196 7.97 6.15 -0.01
C ILE B 196 6.79 6.32 -0.94
N PHE B 197 6.81 7.38 -1.73
CA PHE B 197 5.75 7.68 -2.67
C PHE B 197 6.26 7.54 -4.11
N PRO B 198 5.83 6.48 -4.84
CA PRO B 198 5.82 6.64 -6.30
C PRO B 198 4.77 7.68 -6.66
N VAL B 199 5.07 8.51 -7.66
CA VAL B 199 4.16 9.56 -8.04
C VAL B 199 3.85 9.49 -9.53
N GLU B 200 2.58 9.32 -9.85
CA GLU B 200 2.10 9.48 -11.24
C GLU B 200 1.46 10.84 -11.46
N LEU B 201 1.82 11.50 -12.56
CA LEU B 201 1.21 12.77 -12.93
C LEU B 201 0.21 12.58 -14.03
N GLU B 202 -1.00 13.08 -13.84
CA GLU B 202 -1.99 13.01 -14.89
C GLU B 202 -2.15 14.39 -15.46
N GLY B 203 -2.29 14.45 -16.79
CA GLY B 203 -2.70 15.67 -17.47
C GLY B 203 -1.58 16.59 -17.87
N VAL B 204 -0.34 16.10 -17.71
CA VAL B 204 0.86 16.83 -18.17
C VAL B 204 1.81 15.93 -18.94
N GLU B 205 2.54 16.56 -19.86
CA GLU B 205 3.62 15.92 -20.62
C GLU B 205 4.89 16.73 -20.42
N GLY B 206 5.97 16.07 -20.01
CA GLY B 206 7.20 16.78 -19.77
C GLY B 206 8.27 15.93 -19.13
N LYS B 207 9.20 16.58 -18.44
CA LYS B 207 10.41 15.91 -18.04
C LYS B 207 10.80 16.29 -16.63
N VAL B 208 11.52 15.39 -15.98
CA VAL B 208 12.21 15.66 -14.73
C VAL B 208 13.45 16.43 -15.13
N VAL B 209 13.70 17.58 -14.49
CA VAL B 209 14.87 18.41 -14.80
C VAL B 209 15.81 18.59 -13.61
N ALA B 210 15.41 18.12 -12.42
CA ALA B 210 16.24 18.20 -11.21
C ALA B 210 15.82 17.19 -10.14
N LEU B 211 16.81 16.59 -9.49
CA LEU B 211 16.56 15.72 -8.35
C LEU B 211 17.30 16.36 -7.18
N ASP B 212 16.64 16.39 -6.01
CA ASP B 212 17.21 17.01 -4.78
C ASP B 212 17.86 18.37 -5.01
N GLY B 213 17.14 19.23 -5.71
CA GLY B 213 17.60 20.59 -5.94
C GLY B 213 18.82 20.72 -6.81
N MET B 214 19.19 19.64 -7.52
CA MET B 214 20.33 19.70 -8.44
C MET B 214 19.92 19.30 -9.86
N PRO B 215 20.13 20.21 -10.83
CA PRO B 215 19.74 20.00 -12.23
C PRO B 215 20.46 18.81 -12.90
N ILE B 216 19.74 18.11 -13.77
CA ILE B 216 20.31 16.99 -14.50
C ILE B 216 20.60 17.46 -15.92
N VAL B 217 21.62 16.90 -16.55
CA VAL B 217 22.12 17.36 -17.84
C VAL B 217 21.11 17.08 -18.95
N ASP B 218 20.63 15.85 -19.04
CA ASP B 218 19.55 15.51 -19.95
C ASP B 218 18.28 15.25 -19.14
N PRO B 219 17.31 16.17 -19.22
CA PRO B 219 15.96 15.95 -18.72
C PRO B 219 15.40 14.60 -19.15
N GLN B 220 14.68 13.94 -18.25
CA GLN B 220 14.18 12.59 -18.49
C GLN B 220 12.70 12.49 -18.18
N GLU B 221 12.05 11.53 -18.85
CA GLU B 221 10.63 11.23 -18.64
C GLU B 221 10.37 10.99 -17.16
N PHE B 222 9.28 11.58 -16.65
CA PHE B 222 8.90 11.39 -15.24
C PHE B 222 8.23 10.05 -14.91
N SER B 223 7.92 9.28 -15.95
CA SER B 223 7.33 7.95 -15.84
C SER B 223 8.06 7.05 -14.83
N GLY B 224 7.32 6.60 -13.82
CA GLY B 224 7.91 5.76 -12.76
C GLY B 224 8.68 6.51 -11.69
N LEU B 225 8.53 7.83 -11.63
CA LEU B 225 9.15 8.65 -10.57
C LEU B 225 8.86 8.14 -9.16
N ILE B 226 9.90 7.83 -8.42
CA ILE B 226 9.74 7.50 -7.01
C ILE B 226 10.47 8.51 -6.13
N LEU B 227 9.76 9.05 -5.12
CA LEU B 227 10.36 9.91 -4.08
C LEU B 227 10.37 9.23 -2.72
N ALA B 228 11.57 9.07 -2.15
CA ALA B 228 11.65 8.56 -0.79
C ALA B 228 11.54 9.76 0.13
N PRO B 229 11.39 9.53 1.45
CA PRO B 229 11.24 10.69 2.32
C PRO B 229 12.32 11.74 2.07
N ALA B 230 11.92 13.02 2.06
CA ALA B 230 12.89 14.14 2.01
C ALA B 230 13.49 14.39 0.63
N GLN B 231 13.20 13.49 -0.31
CA GLN B 231 13.69 13.64 -1.68
C GLN B 231 12.81 14.58 -2.46
N ARG B 232 13.43 15.28 -3.43
CA ARG B 232 12.76 16.23 -4.32
C ARG B 232 12.95 15.92 -5.81
N ALA B 233 11.97 16.30 -6.64
CA ALA B 233 12.13 16.31 -8.09
C ALA B 233 11.37 17.50 -8.70
N ASP B 234 12.07 18.26 -9.54
CA ASP B 234 11.47 19.34 -10.31
C ASP B 234 11.02 18.78 -11.64
N ILE B 235 9.76 19.04 -12.01
CA ILE B 235 9.28 18.65 -13.31
C ILE B 235 8.88 19.88 -14.10
N ILE B 236 9.32 19.94 -15.34
CA ILE B 236 8.77 20.97 -16.20
C ILE B 236 7.91 20.28 -17.24
N ALA B 237 6.66 20.67 -17.34
CA ALA B 237 5.71 19.95 -18.17
C ALA B 237 4.68 20.88 -18.77
N ASP B 238 4.08 20.42 -19.85
CA ASP B 238 3.07 21.21 -20.53
C ASP B 238 1.73 20.62 -20.16
N VAL B 239 0.79 21.50 -19.82
CA VAL B 239 -0.57 21.07 -19.49
C VAL B 239 -1.23 20.71 -20.80
N ILE B 240 -1.58 19.44 -20.98
CA ILE B 240 -2.03 19.01 -22.31
C ILE B 240 -3.56 18.84 -22.50
N THR B 241 -4.35 19.07 -21.45
CA THR B 241 -5.78 18.78 -21.49
C THR B 241 -6.66 19.79 -20.72
N ASP B 242 -7.98 19.67 -20.87
CA ASP B 242 -8.96 20.51 -20.15
C ASP B 242 -9.07 20.12 -18.66
N ALA B 243 -8.63 18.91 -18.32
CA ALA B 243 -8.81 18.38 -16.97
C ALA B 243 -7.67 18.78 -16.04
N PRO B 244 -7.94 18.80 -14.72
CA PRO B 244 -6.93 19.15 -13.71
C PRO B 244 -5.63 18.31 -13.80
N ILE B 245 -4.53 18.86 -13.29
CA ILE B 245 -3.31 18.10 -13.13
C ILE B 245 -3.50 17.25 -11.87
N GLY B 246 -3.45 15.93 -12.03
CA GLY B 246 -3.61 15.04 -10.89
C GLY B 246 -2.25 14.61 -10.39
N PHE B 247 -2.12 14.50 -9.06
CA PHE B 247 -0.97 13.82 -8.42
C PHE B 247 -1.46 12.51 -7.85
N VAL B 248 -0.96 11.39 -8.39
CA VAL B 248 -1.51 10.10 -8.02
C VAL B 248 -0.48 9.16 -7.38
N PHE B 249 -0.89 8.51 -6.31
CA PHE B 249 -0.17 7.41 -5.64
C PHE B 249 -0.76 6.06 -6.12
N PRO B 250 -0.13 5.37 -7.09
CA PRO B 250 -0.67 4.10 -7.52
C PRO B 250 -0.61 3.06 -6.42
N THR B 251 -1.63 2.21 -6.36
CA THR B 251 -1.64 1.06 -5.47
C THR B 251 -2.26 -0.13 -6.20
N ARG B 252 -1.89 -1.33 -5.77
CA ARG B 252 -2.51 -2.57 -6.20
C ARG B 252 -4.05 -2.51 -6.30
N ASP B 253 -4.66 -1.72 -5.40
CA ASP B 253 -6.13 -1.67 -5.31
C ASP B 253 -6.75 -0.52 -6.10
N GLY B 254 -5.89 0.21 -6.79
CA GLY B 254 -6.28 1.29 -7.68
C GLY B 254 -5.58 2.56 -7.24
N PRO B 255 -5.72 3.64 -8.05
CA PRO B 255 -4.96 4.88 -7.78
C PRO B 255 -5.56 5.64 -6.62
N TYR B 256 -4.68 6.27 -5.86
CA TYR B 256 -5.06 7.06 -4.73
C TYR B 256 -4.71 8.51 -5.09
N LEU B 257 -5.73 9.36 -5.18
CA LEU B 257 -5.48 10.72 -5.61
C LEU B 257 -4.91 11.55 -4.46
N LEU B 258 -3.67 12.02 -4.62
CA LEU B 258 -3.00 12.88 -3.62
C LEU B 258 -3.54 14.30 -3.64
N GLY B 259 -3.73 14.83 -4.83
CA GLY B 259 -4.35 16.13 -4.98
C GLY B 259 -4.33 16.50 -6.45
N GLU B 260 -4.73 17.73 -6.78
CA GLU B 260 -4.72 18.20 -8.15
C GLU B 260 -4.51 19.71 -8.26
N ILE B 261 -4.22 20.17 -9.48
CA ILE B 261 -4.16 21.59 -9.77
C ILE B 261 -5.28 21.85 -10.78
N PRO B 262 -6.26 22.70 -10.41
CA PRO B 262 -7.35 23.08 -11.35
C PRO B 262 -6.81 23.66 -12.64
N VAL B 263 -7.47 23.34 -13.75
CA VAL B 263 -7.13 23.90 -15.06
C VAL B 263 -8.32 24.61 -15.71
N LYS B 264 -8.17 25.91 -15.96
CA LYS B 264 -9.20 26.70 -16.63
C LYS B 264 -8.57 27.66 -17.63
N GLY B 265 -9.32 27.98 -18.68
CA GLY B 265 -8.88 28.99 -19.63
C GLY B 265 -8.22 28.37 -20.83
N ALA B 266 -8.52 28.95 -21.99
CA ALA B 266 -8.17 28.45 -23.31
C ALA B 266 -6.73 27.93 -23.39
N ASN B 267 -5.76 28.81 -23.16
CA ASN B 267 -4.36 28.46 -23.32
C ASN B 267 -3.40 29.57 -22.90
N THR B 268 -2.12 29.20 -22.75
CA THR B 268 -1.04 30.14 -23.00
C THR B 268 -0.88 30.27 -24.50
N THR B 269 -0.36 31.42 -24.87
CA THR B 269 -0.17 31.91 -26.24
C THR B 269 1.18 31.41 -26.77
N ARG B 270 1.84 30.61 -25.94
CA ARG B 270 3.13 30.01 -26.22
C ARG B 270 3.06 28.96 -27.32
N GLN B 271 4.22 28.62 -27.87
CA GLN B 271 4.31 27.66 -28.96
C GLN B 271 5.25 26.52 -28.54
N PRO B 272 5.10 25.35 -29.20
CA PRO B 272 5.89 24.16 -28.83
C PRO B 272 7.40 24.40 -28.81
N SER B 273 8.09 23.72 -27.89
CA SER B 273 9.55 23.77 -27.77
C SER B 273 10.00 22.70 -26.81
N GLU B 274 11.23 22.22 -27.02
CA GLU B 274 11.82 21.23 -26.15
C GLU B 274 11.80 21.71 -24.70
N ILE B 275 11.63 20.78 -23.77
CA ILE B 275 11.81 21.08 -22.36
C ILE B 275 13.28 21.35 -22.15
N PRO B 276 13.64 22.58 -21.74
CA PRO B 276 15.06 22.91 -21.69
C PRO B 276 15.67 22.47 -20.36
N ALA B 277 16.96 22.16 -20.36
CA ALA B 277 17.62 21.80 -19.11
C ALA B 277 17.75 23.03 -18.24
N LEU B 278 17.72 22.83 -16.93
CA LEU B 278 18.01 23.90 -16.00
C LEU B 278 19.49 24.20 -16.07
N PRO B 279 19.90 25.44 -15.71
CA PRO B 279 21.34 25.67 -15.77
C PRO B 279 22.01 24.85 -14.67
N PRO B 280 23.19 24.27 -14.95
CA PRO B 280 23.90 23.47 -13.95
C PRO B 280 24.23 24.29 -12.70
N ASN B 281 24.21 23.63 -11.54
CA ASN B 281 24.89 24.15 -10.36
C ASN B 281 26.33 23.67 -10.43
N GLU B 282 27.16 24.11 -9.48
CA GLU B 282 28.58 23.80 -9.54
C GLU B 282 28.88 22.47 -8.85
N VAL B 283 29.38 21.50 -9.62
CA VAL B 283 29.72 20.19 -9.05
C VAL B 283 31.21 19.85 -9.26
N THR B 284 31.90 19.55 -8.15
CA THR B 284 33.27 19.06 -8.22
C THR B 284 33.21 17.57 -8.54
N SER B 285 33.86 17.18 -9.63
CA SER B 285 33.87 15.79 -10.09
C SER B 285 34.93 14.96 -9.37
N PRO B 286 34.52 13.77 -8.87
CA PRO B 286 35.41 12.90 -8.11
C PRO B 286 36.33 12.11 -9.03
N ASP B 287 37.40 11.54 -8.47
CA ASP B 287 38.24 10.56 -9.17
C ASP B 287 38.10 9.16 -8.56
N MET B 288 38.84 8.87 -7.49
CA MET B 288 38.66 7.63 -6.72
C MET B 288 39.32 7.70 -5.32
N GLY B 289 38.48 7.84 -4.31
CA GLY B 289 38.95 8.20 -2.97
C GLY B 289 39.25 7.04 -2.05
N SER B 290 38.96 7.26 -0.76
CA SER B 290 39.02 6.20 0.23
C SER B 290 37.68 5.48 0.31
N ALA B 291 37.73 4.15 0.19
CA ALA B 291 36.54 3.32 0.31
C ALA B 291 36.17 3.14 1.77
N VAL B 292 34.89 3.30 2.09
CA VAL B 292 34.39 3.05 3.44
C VAL B 292 33.13 2.17 3.37
N SER B 293 32.89 1.43 4.44
CA SER B 293 31.71 0.58 4.51
C SER B 293 30.81 1.04 5.65
N LEU B 294 29.50 1.03 5.42
CA LEU B 294 28.54 1.37 6.47
C LEU B 294 27.33 0.44 6.42
N THR B 295 27.20 -0.40 7.45
CA THR B 295 26.16 -1.40 7.49
C THR B 295 25.07 -1.02 8.48
N LEU B 296 23.83 -1.10 8.02
CA LEU B 296 22.64 -1.03 8.86
C LEU B 296 22.38 -2.48 9.35
N THR B 297 22.45 -2.70 10.67
CA THR B 297 22.53 -4.08 11.22
C THR B 297 21.24 -4.62 11.84
N GLY B 324 23.70 13.72 22.07
CA GLY B 324 23.65 12.25 22.17
C GLY B 324 23.97 11.57 20.86
N LEU B 325 25.26 11.52 20.53
CA LEU B 325 25.79 10.83 19.34
C LEU B 325 27.20 10.26 19.61
N THR B 326 27.81 9.67 18.58
CA THR B 326 28.99 8.83 18.74
C THR B 326 30.26 9.45 19.33
N ASP B 327 30.58 10.67 18.95
CA ASP B 327 31.74 11.35 19.50
C ASP B 327 33.02 10.93 18.79
N THR B 328 32.87 9.98 17.87
CA THR B 328 33.95 9.62 16.98
C THR B 328 33.38 9.53 15.58
N PRO B 329 34.02 10.19 14.63
CA PRO B 329 33.52 10.14 13.26
C PRO B 329 33.70 8.79 12.58
N LEU B 330 32.82 8.51 11.64
CA LEU B 330 33.00 7.44 10.67
C LEU B 330 34.38 7.55 10.01
N HIS B 331 34.71 8.76 9.55
CA HIS B 331 36.02 9.04 8.96
C HIS B 331 36.31 10.54 8.92
N SER B 332 37.58 10.90 9.13
CA SER B 332 38.07 12.28 9.04
C SER B 332 38.78 12.56 7.72
N PHE B 333 38.14 13.35 6.86
CA PHE B 333 38.68 13.69 5.55
C PHE B 333 39.46 15.00 5.57
N GLU B 334 40.47 15.08 4.69
CA GLU B 334 41.07 16.35 4.32
C GLU B 334 40.07 17.05 3.41
N ARG B 335 40.04 18.37 3.46
CA ARG B 335 38.99 19.09 2.75
C ARG B 335 39.17 18.89 1.25
N GLY B 336 38.23 18.18 0.63
CA GLY B 336 38.18 18.05 -0.81
C GLY B 336 38.57 16.72 -1.40
N GLN B 337 38.78 15.69 -0.58
CA GLN B 337 39.03 14.38 -1.17
C GLN B 337 37.74 13.62 -1.45
N THR B 338 37.86 12.54 -2.18
CA THR B 338 36.73 11.76 -2.59
C THR B 338 36.57 10.56 -1.68
N ALA B 339 35.32 10.15 -1.48
CA ALA B 339 34.98 8.96 -0.71
C ALA B 339 33.88 8.20 -1.43
N ARG B 340 34.04 6.88 -1.44
CA ARG B 340 33.00 5.94 -1.86
C ARG B 340 32.54 5.25 -0.59
N ILE B 341 31.27 5.39 -0.25
CA ILE B 341 30.74 4.80 0.97
C ILE B 341 29.78 3.69 0.63
N ARG B 342 30.13 2.48 1.05
CA ARG B 342 29.22 1.35 0.90
C ARG B 342 28.18 1.34 2.01
N LEU B 343 26.93 1.53 1.61
CA LEU B 343 25.77 1.47 2.50
C LEU B 343 25.14 0.08 2.41
N VAL B 344 25.32 -0.72 3.46
CA VAL B 344 24.88 -2.11 3.46
C VAL B 344 23.66 -2.24 4.37
N ASN B 345 22.53 -2.65 3.80
CA ASN B 345 21.30 -2.79 4.58
C ASN B 345 20.94 -4.24 4.85
N ASP B 346 21.31 -4.69 6.05
CA ASP B 346 21.11 -6.08 6.47
C ASP B 346 19.85 -6.29 7.33
N THR B 347 18.95 -5.31 7.25
CA THR B 347 17.64 -5.36 7.92
C THR B 347 16.51 -5.72 6.95
N ARG B 348 15.33 -5.93 7.51
CA ARG B 348 14.10 -6.18 6.76
C ARG B 348 13.41 -4.89 6.22
N PHE B 349 13.92 -3.72 6.61
CA PHE B 349 13.24 -2.46 6.25
C PHE B 349 14.11 -1.46 5.49
N PRO B 350 13.50 -0.72 4.56
CA PRO B 350 14.23 0.35 3.87
C PRO B 350 14.74 1.42 4.83
N HIS B 351 15.91 1.97 4.52
CA HIS B 351 16.43 3.15 5.20
C HIS B 351 16.59 4.30 4.23
N GLY B 352 16.22 5.50 4.66
CA GLY B 352 16.56 6.69 3.86
C GLY B 352 17.79 7.29 4.50
N ILE B 353 18.76 7.66 3.68
CA ILE B 353 20.03 8.14 4.16
C ILE B 353 20.22 9.58 3.69
N HIS B 354 20.45 10.48 4.65
CA HIS B 354 20.73 11.89 4.35
C HIS B 354 22.10 12.38 4.87
N LEU B 355 22.98 12.77 3.94
CA LEU B 355 24.30 13.31 4.31
C LEU B 355 24.23 14.82 4.42
N HIS B 356 24.64 15.38 5.54
CA HIS B 356 24.55 16.84 5.70
C HIS B 356 25.67 17.60 4.96
N GLY B 357 25.35 18.80 4.49
CA GLY B 357 26.33 19.72 3.88
C GLY B 357 26.90 19.34 2.52
N HIS B 358 26.46 18.21 1.95
CA HIS B 358 27.02 17.68 0.69
C HIS B 358 25.99 16.92 -0.12
N HIS B 359 26.13 17.02 -1.43
CA HIS B 359 25.45 16.09 -2.33
C HIS B 359 26.43 14.96 -2.72
N PHE B 360 25.90 13.82 -3.13
CA PHE B 360 26.73 12.68 -3.52
C PHE B 360 26.07 11.97 -4.70
N PHE B 361 26.87 11.23 -5.46
CA PHE B 361 26.37 10.45 -6.58
C PHE B 361 26.05 9.03 -6.14
N GLU B 362 24.87 8.54 -6.52
CA GLU B 362 24.54 7.11 -6.37
C GLU B 362 25.23 6.31 -7.49
N VAL B 363 25.81 5.17 -7.12
CA VAL B 363 26.57 4.32 -8.05
C VAL B 363 25.71 3.18 -8.58
N GLY B 364 25.68 3.01 -9.90
CA GLY B 364 24.89 1.94 -10.53
C GLY B 364 25.54 0.58 -10.31
N ALA B 365 24.97 -0.47 -10.91
CA ALA B 365 25.59 -1.79 -10.90
C ALA B 365 26.71 -1.93 -11.94
N ASP B 366 26.65 -1.08 -12.97
CA ASP B 366 27.68 -1.03 -14.03
C ASP B 366 28.96 -0.33 -13.56
N GLY B 367 28.89 0.25 -12.36
CA GLY B 367 30.04 0.91 -11.73
C GLY B 367 30.13 2.40 -12.00
N ASN B 368 29.19 2.91 -12.79
CA ASN B 368 29.18 4.31 -13.22
C ASN B 368 28.31 5.25 -12.36
N LEU B 369 28.68 6.52 -12.35
CA LEU B 369 27.97 7.55 -11.59
C LEU B 369 26.55 7.75 -12.11
N GLY B 370 25.61 7.93 -11.18
CA GLY B 370 24.22 8.19 -11.57
C GLY B 370 23.71 9.47 -10.94
N ALA B 371 22.53 9.35 -10.33
CA ALA B 371 21.82 10.48 -9.74
C ALA B 371 22.62 11.13 -8.61
N LEU B 372 22.74 12.46 -8.70
CA LEU B 372 23.41 13.26 -7.69
C LEU B 372 22.32 13.68 -6.72
N ARG B 373 22.49 13.30 -5.47
CA ARG B 373 21.43 13.42 -4.46
C ARG B 373 21.96 14.00 -3.16
N ASP B 374 21.05 14.42 -2.28
CA ASP B 374 21.41 14.65 -0.87
C ASP B 374 20.73 13.65 0.08
N THR B 375 19.75 12.92 -0.45
CA THR B 375 19.03 11.90 0.33
C THR B 375 18.86 10.70 -0.59
N THR B 376 19.15 9.50 -0.09
CA THR B 376 19.07 8.29 -0.90
C THR B 376 18.29 7.21 -0.19
N LEU B 377 17.74 6.25 -0.93
CA LEU B 377 17.05 5.11 -0.29
C LEU B 377 17.82 3.80 -0.48
N VAL B 378 18.08 3.09 0.62
CA VAL B 378 18.60 1.74 0.51
C VAL B 378 17.56 0.77 1.03
N ASP B 379 17.04 -0.05 0.12
CA ASP B 379 15.96 -0.97 0.43
C ASP B 379 16.51 -2.17 1.19
N ALA B 380 15.60 -2.96 1.74
CA ALA B 380 15.95 -4.13 2.54
C ALA B 380 16.72 -5.14 1.71
N GLY B 381 17.75 -5.73 2.33
CA GLY B 381 18.64 -6.67 1.65
C GLY B 381 19.57 -6.02 0.63
N GLU B 382 19.44 -4.71 0.42
CA GLU B 382 20.26 -4.02 -0.58
C GLU B 382 21.55 -3.40 -0.04
N THR B 383 22.51 -3.26 -0.95
CA THR B 383 23.76 -2.58 -0.69
C THR B 383 23.91 -1.54 -1.78
N ARG B 384 24.30 -0.35 -1.40
CA ARG B 384 24.35 0.74 -2.34
C ARG B 384 25.59 1.55 -2.06
N ASP B 385 26.32 1.87 -3.11
CA ASP B 385 27.50 2.71 -3.02
C ASP B 385 27.17 4.14 -3.37
N ILE B 386 27.66 5.08 -2.56
CA ILE B 386 27.60 6.50 -2.89
C ILE B 386 29.00 7.11 -3.03
N VAL B 387 29.20 7.90 -4.08
CA VAL B 387 30.48 8.59 -4.33
C VAL B 387 30.31 10.10 -4.05
N CYS B 388 31.11 10.61 -3.12
CA CYS B 388 31.02 11.99 -2.68
C CYS B 388 32.39 12.69 -2.57
N VAL B 389 32.46 13.94 -3.05
CA VAL B 389 33.63 14.80 -2.85
C VAL B 389 33.42 15.64 -1.61
N PHE B 390 34.26 15.40 -0.59
CA PHE B 390 34.09 16.09 0.67
C PHE B 390 34.81 17.46 0.74
N ASP B 391 34.10 18.46 0.20
CA ASP B 391 34.59 19.81 -0.05
C ASP B 391 34.07 20.84 0.94
N ASN B 392 33.03 20.48 1.70
CA ASN B 392 32.45 21.41 2.68
C ASN B 392 33.02 21.08 4.05
N PRO B 393 33.61 22.09 4.74
CA PRO B 393 34.27 22.01 6.06
C PRO B 393 33.31 21.94 7.25
N GLY B 394 33.68 21.21 8.29
CA GLY B 394 32.88 21.06 9.51
C GLY B 394 32.43 19.60 9.76
N ASN B 395 31.66 19.38 10.83
CA ASN B 395 31.16 18.03 11.19
C ASN B 395 29.74 17.76 10.65
N TRP B 396 29.63 16.81 9.73
CA TRP B 396 28.42 16.54 8.96
C TRP B 396 27.73 15.24 9.31
N LEU B 397 26.59 15.32 9.97
CA LEU B 397 25.70 14.18 10.18
C LEU B 397 25.52 13.35 8.91
N LEU B 398 25.68 12.02 9.04
CA LEU B 398 25.20 11.05 8.07
C LEU B 398 24.08 10.26 8.78
N HIS B 399 22.84 10.61 8.45
CA HIS B 399 21.67 10.14 9.17
C HIS B 399 20.96 9.02 8.40
N CYS B 400 20.90 7.83 9.01
CA CYS B 400 20.20 6.69 8.42
C CYS B 400 18.89 6.47 9.15
N HIS B 401 17.79 6.64 8.43
CA HIS B 401 16.47 6.53 9.07
C HIS B 401 15.80 5.24 8.63
N MET B 402 15.46 4.40 9.60
CA MET B 402 14.70 3.19 9.31
C MET B 402 13.22 3.55 9.22
N LEU B 403 12.66 3.37 8.03
CA LEU B 403 11.29 3.76 7.75
C LEU B 403 10.33 2.94 8.60
N GLY B 404 9.41 3.62 9.27
CA GLY B 404 8.39 2.96 10.10
C GLY B 404 8.80 2.79 11.55
N HIS B 405 10.08 3.01 11.83
CA HIS B 405 10.61 2.86 13.17
C HIS B 405 11.22 4.16 13.71
N GLN B 406 11.30 4.24 15.03
CA GLN B 406 11.82 5.40 15.78
C GLN B 406 13.30 5.24 16.07
N ALA B 407 14.10 6.14 15.51
CA ALA B 407 15.55 6.04 15.59
C ALA B 407 16.20 7.40 15.80
N ALA B 408 16.96 7.50 16.91
CA ALA B 408 17.83 8.64 17.22
C ALA B 408 17.28 9.57 18.32
N LYS B 411 22.63 8.90 13.75
CA LYS B 411 23.67 7.88 13.64
C LYS B 411 25.10 8.44 13.56
N THR B 412 25.79 8.15 12.47
CA THR B 412 27.20 8.52 12.30
C THR B 412 27.39 10.00 11.94
N TRP B 413 28.65 10.41 11.81
CA TRP B 413 29.01 11.70 11.21
C TRP B 413 30.34 11.66 10.44
N VAL B 414 30.64 12.71 9.69
CA VAL B 414 31.90 12.84 9.00
C VAL B 414 32.54 14.18 9.36
N GLU B 415 33.80 14.14 9.78
CA GLU B 415 34.56 15.34 10.14
C GLU B 415 35.15 16.01 8.89
N VAL B 416 34.83 17.29 8.74
CA VAL B 416 35.26 18.12 7.60
C VAL B 416 35.35 17.32 6.28
#